data_8PLB
#
_entry.id   8PLB
#
_cell.length_a   62.280
_cell.length_b   103.380
_cell.length_c   133.330
_cell.angle_alpha   90.000
_cell.angle_beta   92.060
_cell.angle_gamma   90.000
#
_symmetry.space_group_name_H-M   'P 1 21 1'
#
loop_
_entity.id
_entity.type
_entity.pdbx_description
1 polymer 'Thioredoxin glutathione reductase'
2 non-polymer 'FLAVIN-ADENINE DINUCLEOTIDE'
3 non-polymer N-ethyl-4-[(methylsulfonyl)amino]benzamide
4 water water
#
_entity_poly.entity_id   1
_entity_poly.type   'polypeptide(L)'
_entity_poly.pdbx_seq_one_letter_code
;GPPPADGTSQWLRKTVDSAAVILFSKTTCPYCKKVKDVLAEAKIKHATIELDQLSNGSAIQKCLASFSKIETVPQMFVRG
KFIGDSQTVLKYYSNDELAGIVNESKYDYDLIVIGGGSGGLAAGKEAAKYGAKTAVLDYVEPTPIGTTWGLGGTCVNVGC
IPKKLMHQAGLLSHALEDAEHFGWSLDRSKISHNWSTMVEGVQSHIGSLNWGYKVALRDNQVTYLNAKGRLISPHEVQIT
DKNQKVSTITGNKIILATGERPKYPEIPGAVEYGITSDDLFSLPYFPGKTLVIGASYVALECAGFLASLGGDVTVMVRSI
LLRGFDQQMAEKVGDYMENHGVKFAKLCVPDEIKQLKVVDTENNKPGLLLVKGHYTDGKKFEEEFETVIFAVGREPQLSK
VLCETVGVKLDKNGRVVCTDDEQTTVSNVYAIGDINAGKPQLTPVAIQAGRYLARRLFAGATELTDYSNVATTVFTPLEY
GACGLSEEDAIEKYGDKDIEVYHSNFKPLEWTVAHREDNVCYMKLVCRKSDNMRVLGLHVLGPNAGEITQGYAVAIKMGA
TKADFDRTIGIHPTCSETFTTLHVTKKSGVSPIVSGC
;
_entity_poly.pdbx_strand_id   A,B
#
# COMPACT_ATOMS: atom_id res chain seq x y z
N GLY A 7 21.72 -33.02 -16.26
CA GLY A 7 20.92 -31.89 -15.81
C GLY A 7 19.49 -32.29 -15.51
N THR A 8 18.77 -32.66 -16.58
CA THR A 8 17.48 -33.32 -16.41
C THR A 8 17.64 -34.61 -15.61
N SER A 9 18.65 -35.43 -15.95
CA SER A 9 18.83 -36.71 -15.29
C SER A 9 19.19 -36.54 -13.81
N GLN A 10 19.98 -35.53 -13.48
CA GLN A 10 20.30 -35.26 -12.08
C GLN A 10 19.09 -34.75 -11.31
N TRP A 11 18.24 -33.95 -11.97
CA TRP A 11 16.98 -33.53 -11.34
C TRP A 11 16.07 -34.72 -11.13
N LEU A 12 15.99 -35.64 -12.10
CA LEU A 12 15.07 -36.76 -11.95
C LEU A 12 15.51 -37.68 -10.82
N ARG A 13 16.81 -37.92 -10.67
CA ARG A 13 17.25 -38.82 -9.61
C ARG A 13 16.98 -38.24 -8.23
N LYS A 14 17.28 -36.94 -8.02
CA LYS A 14 17.00 -36.37 -6.71
C LYS A 14 15.51 -36.43 -6.40
N THR A 15 14.67 -36.19 -7.42
CA THR A 15 13.22 -36.18 -7.19
C THR A 15 12.70 -37.57 -6.85
N VAL A 16 13.16 -38.60 -7.57
CA VAL A 16 12.68 -39.94 -7.29
C VAL A 16 13.18 -40.42 -5.92
N ASP A 17 14.46 -40.14 -5.61
CA ASP A 17 15.06 -40.64 -4.37
C ASP A 17 14.35 -40.14 -3.11
N SER A 18 13.83 -38.91 -3.12
CA SER A 18 13.34 -38.35 -1.87
C SER A 18 11.82 -38.18 -1.79
N ALA A 19 11.10 -38.24 -2.91
CA ALA A 19 9.64 -38.21 -2.84
C ALA A 19 9.09 -39.43 -2.12
N ALA A 20 8.09 -39.23 -1.25
CA ALA A 20 7.43 -40.34 -0.58
C ALA A 20 6.58 -41.15 -1.56
N VAL A 21 5.60 -40.51 -2.20
CA VAL A 21 4.74 -41.14 -3.21
C VAL A 21 4.60 -40.16 -4.37
N ILE A 22 4.92 -40.59 -5.59
CA ILE A 22 4.88 -39.65 -6.71
C ILE A 22 4.46 -40.39 -7.98
N LEU A 23 3.60 -39.74 -8.76
CA LEU A 23 3.05 -40.30 -9.98
C LEU A 23 3.52 -39.46 -11.16
N PHE A 24 4.08 -40.12 -12.18
CA PHE A 24 4.45 -39.46 -13.43
C PHE A 24 3.36 -39.74 -14.46
N SER A 25 2.87 -38.69 -15.10
CA SER A 25 1.55 -38.76 -15.72
C SER A 25 1.44 -37.79 -16.90
N LYS A 26 0.31 -37.89 -17.63
CA LYS A 26 -0.10 -36.93 -18.65
C LYS A 26 -1.58 -36.61 -18.48
N THR A 27 -1.96 -35.35 -18.70
CA THR A 27 -3.35 -34.93 -18.45
C THR A 27 -4.33 -35.56 -19.43
N THR A 28 -3.85 -35.95 -20.61
CA THR A 28 -4.69 -36.53 -21.65
C THR A 28 -4.82 -38.05 -21.55
N CYS A 29 -4.11 -38.70 -20.62
CA CYS A 29 -3.98 -40.15 -20.61
C CYS A 29 -5.05 -40.77 -19.72
N PRO A 30 -5.99 -41.57 -20.27
CA PRO A 30 -7.02 -42.19 -19.41
C PRO A 30 -6.47 -43.33 -18.55
N TYR A 31 -5.30 -43.86 -18.87
CA TYR A 31 -4.68 -44.82 -17.96
C TYR A 31 -4.17 -44.11 -16.71
N CYS A 32 -3.55 -42.94 -16.88
CA CYS A 32 -3.15 -42.14 -15.72
C CYS A 32 -4.36 -41.74 -14.89
N LYS A 33 -5.46 -41.38 -15.55
CA LYS A 33 -6.68 -41.01 -14.85
C LYS A 33 -7.21 -42.16 -14.00
N LYS A 34 -7.13 -43.39 -14.52
CA LYS A 34 -7.61 -44.55 -13.75
C LYS A 34 -6.72 -44.82 -12.55
N VAL A 35 -5.41 -44.55 -12.65
CA VAL A 35 -4.55 -44.69 -11.47
C VAL A 35 -4.86 -43.58 -10.48
N LYS A 36 -5.09 -42.35 -10.97
CA LYS A 36 -5.45 -41.26 -10.07
C LYS A 36 -6.70 -41.59 -9.26
N ASP A 37 -7.70 -42.18 -9.91
CA ASP A 37 -8.95 -42.52 -9.23
C ASP A 37 -8.74 -43.59 -8.17
N VAL A 38 -7.86 -44.56 -8.44
CA VAL A 38 -7.64 -45.63 -7.46
C VAL A 38 -6.92 -45.08 -6.22
N LEU A 39 -5.90 -44.24 -6.41
CA LEU A 39 -5.20 -43.66 -5.27
C LEU A 39 -6.12 -42.74 -4.46
N ALA A 40 -6.95 -41.96 -5.15
CA ALA A 40 -7.90 -41.11 -4.44
C ALA A 40 -8.87 -41.95 -3.60
N GLU A 41 -9.40 -43.03 -4.18
CA GLU A 41 -10.38 -43.83 -3.45
C GLU A 41 -9.76 -44.47 -2.21
N ALA A 42 -8.52 -44.95 -2.32
CA ALA A 42 -7.85 -45.55 -1.18
C ALA A 42 -7.27 -44.51 -0.21
N LYS A 43 -7.53 -43.22 -0.45
CA LYS A 43 -7.04 -42.14 0.40
C LYS A 43 -5.51 -42.14 0.50
N ILE A 44 -4.85 -42.33 -0.64
CA ILE A 44 -3.40 -42.31 -0.73
C ILE A 44 -3.00 -40.96 -1.33
N LYS A 45 -2.37 -40.10 -0.52
CA LYS A 45 -1.89 -38.81 -1.03
C LYS A 45 -0.52 -38.97 -1.70
N HIS A 46 -0.26 -38.11 -2.70
CA HIS A 46 0.92 -38.26 -3.53
C HIS A 46 1.14 -36.97 -4.32
N ALA A 47 2.39 -36.77 -4.76
CA ALA A 47 2.73 -35.77 -5.75
C ALA A 47 2.41 -36.29 -7.16
N THR A 48 2.19 -35.34 -8.08
CA THR A 48 1.96 -35.65 -9.49
C THR A 48 2.78 -34.72 -10.36
N ILE A 49 3.47 -35.27 -11.36
CA ILE A 49 4.18 -34.49 -12.37
C ILE A 49 3.56 -34.79 -13.72
N GLU A 50 2.95 -33.78 -14.36
CA GLU A 50 2.25 -33.97 -15.63
C GLU A 50 3.23 -33.67 -16.77
N LEU A 51 3.73 -34.72 -17.42
CA LEU A 51 4.86 -34.58 -18.34
C LEU A 51 4.50 -33.72 -19.55
N ASP A 52 3.22 -33.72 -19.97
CA ASP A 52 2.83 -32.95 -21.14
C ASP A 52 2.82 -31.45 -20.91
N GLN A 53 2.90 -30.98 -19.66
CA GLN A 53 2.89 -29.56 -19.35
C GLN A 53 4.28 -29.00 -19.08
N LEU A 54 5.33 -29.75 -19.42
CA LEU A 54 6.70 -29.30 -19.24
C LEU A 54 7.41 -29.30 -20.58
N SER A 55 8.28 -28.30 -20.77
CA SER A 55 8.96 -28.12 -22.05
C SER A 55 9.84 -29.32 -22.39
N ASN A 56 10.45 -29.95 -21.40
CA ASN A 56 11.28 -31.13 -21.64
C ASN A 56 10.67 -32.39 -21.04
N GLY A 57 9.36 -32.57 -21.21
CA GLY A 57 8.73 -33.82 -20.81
C GLY A 57 9.30 -35.01 -21.56
N SER A 58 9.61 -34.81 -22.85
CA SER A 58 10.16 -35.89 -23.68
C SER A 58 11.43 -36.48 -23.08
N ALA A 59 12.37 -35.60 -22.69
CA ALA A 59 13.61 -36.07 -22.07
C ALA A 59 13.33 -36.75 -20.73
N ILE A 60 12.42 -36.19 -19.93
CA ILE A 60 12.10 -36.78 -18.64
C ILE A 60 11.54 -38.19 -18.82
N GLN A 61 10.60 -38.35 -19.76
CA GLN A 61 10.05 -39.66 -20.08
C GLN A 61 11.16 -40.65 -20.41
N LYS A 62 12.14 -40.23 -21.21
CA LYS A 62 13.27 -41.09 -21.54
C LYS A 62 14.06 -41.43 -20.28
N CYS A 63 14.32 -40.44 -19.43
CA CYS A 63 15.16 -40.66 -18.26
C CYS A 63 14.52 -41.62 -17.26
N LEU A 64 13.18 -41.65 -17.18
CA LEU A 64 12.50 -42.54 -16.25
C LEU A 64 12.89 -43.99 -16.48
N ALA A 65 13.25 -44.34 -17.72
CA ALA A 65 13.60 -45.73 -18.00
C ALA A 65 14.85 -46.17 -17.25
N SER A 66 15.74 -45.24 -16.90
CA SER A 66 16.91 -45.62 -16.11
C SER A 66 16.51 -46.16 -14.74
N PHE A 67 15.27 -45.94 -14.31
CA PHE A 67 14.75 -46.46 -13.03
C PHE A 67 13.77 -47.61 -13.21
N SER A 68 12.89 -47.53 -14.20
CA SER A 68 11.78 -48.47 -14.34
C SER A 68 11.90 -49.40 -15.53
N LYS A 69 12.82 -49.11 -16.46
CA LYS A 69 13.00 -49.85 -17.71
C LYS A 69 11.79 -49.74 -18.63
N ILE A 70 10.90 -48.78 -18.39
CA ILE A 70 9.85 -48.42 -19.34
C ILE A 70 9.87 -46.92 -19.56
N GLU A 71 9.27 -46.50 -20.68
CA GLU A 71 9.25 -45.10 -21.11
C GLU A 71 7.83 -44.59 -21.35
N THR A 72 6.82 -45.21 -20.74
CA THR A 72 5.42 -44.83 -20.89
C THR A 72 4.91 -44.19 -19.59
N VAL A 73 3.73 -43.59 -19.66
CA VAL A 73 3.03 -43.09 -18.48
C VAL A 73 1.75 -43.88 -18.28
N PRO A 74 1.28 -44.09 -17.04
CA PRO A 74 1.81 -43.59 -15.76
C PRO A 74 2.94 -44.43 -15.21
N GLN A 75 3.79 -43.85 -14.36
CA GLN A 75 4.76 -44.59 -13.56
C GLN A 75 4.63 -44.10 -12.12
N MET A 76 4.46 -45.04 -11.19
CA MET A 76 4.30 -44.70 -9.78
C MET A 76 5.49 -45.20 -8.96
N PHE A 77 5.97 -44.33 -8.06
CA PHE A 77 7.12 -44.59 -7.20
C PHE A 77 6.76 -44.36 -5.73
N VAL A 78 7.36 -45.15 -4.86
CA VAL A 78 7.28 -44.98 -3.42
C VAL A 78 8.70 -45.01 -2.86
N ARG A 79 9.12 -43.89 -2.26
CA ARG A 79 10.39 -43.78 -1.54
C ARG A 79 11.57 -44.31 -2.36
N GLY A 80 11.62 -43.89 -3.62
CA GLY A 80 12.74 -44.22 -4.49
C GLY A 80 12.61 -45.52 -5.27
N LYS A 81 11.49 -46.24 -5.14
CA LYS A 81 11.29 -47.55 -5.74
C LYS A 81 10.16 -47.48 -6.77
N PHE A 82 10.41 -47.98 -7.97
CA PHE A 82 9.37 -48.09 -8.99
C PHE A 82 8.36 -49.16 -8.59
N ILE A 83 7.08 -48.76 -8.46
CA ILE A 83 6.04 -49.67 -8.01
C ILE A 83 5.33 -50.33 -9.20
N GLY A 84 4.94 -49.57 -10.22
CA GLY A 84 4.39 -50.20 -11.40
C GLY A 84 3.69 -49.23 -12.33
N ASP A 85 3.26 -49.77 -13.48
CA ASP A 85 2.42 -49.04 -14.42
C ASP A 85 0.95 -49.23 -14.03
N SER A 86 0.04 -49.00 -14.98
CA SER A 86 -1.39 -49.04 -14.67
C SER A 86 -1.87 -50.44 -14.29
N GLN A 87 -1.52 -51.46 -15.10
CA GLN A 87 -1.99 -52.81 -14.79
C GLN A 87 -1.43 -53.30 -13.46
N THR A 88 -0.19 -52.91 -13.12
CA THR A 88 0.43 -53.38 -11.89
C THR A 88 -0.18 -52.71 -10.66
N VAL A 89 -0.41 -51.40 -10.70
CA VAL A 89 -1.03 -50.72 -9.56
C VAL A 89 -2.43 -51.29 -9.30
N LEU A 90 -3.24 -51.42 -10.36
CA LEU A 90 -4.58 -51.99 -10.23
C LEU A 90 -4.54 -53.39 -9.61
N LYS A 91 -3.54 -54.19 -9.98
CA LYS A 91 -3.37 -55.53 -9.41
C LYS A 91 -3.18 -55.47 -7.90
N TYR A 92 -2.25 -54.62 -7.45
CA TYR A 92 -2.01 -54.45 -6.02
C TYR A 92 -3.28 -53.99 -5.29
N TYR A 93 -4.02 -53.05 -5.88
CA TYR A 93 -5.26 -52.60 -5.28
C TYR A 93 -6.26 -53.74 -5.19
N SER A 94 -6.54 -54.39 -6.33
CA SER A 94 -7.50 -55.49 -6.34
C SER A 94 -7.13 -56.61 -5.39
N ASN A 95 -5.83 -56.80 -5.11
CA ASN A 95 -5.37 -57.88 -4.24
C ASN A 95 -5.15 -57.42 -2.79
N ASP A 96 -5.61 -56.23 -2.44
CA ASP A 96 -5.48 -55.71 -1.07
C ASP A 96 -4.02 -55.54 -0.65
N GLU A 97 -3.15 -55.30 -1.63
CA GLU A 97 -1.73 -55.19 -1.39
C GLU A 97 -1.20 -53.76 -1.44
N LEU A 98 -1.98 -52.81 -1.98
CA LEU A 98 -1.46 -51.47 -2.26
C LEU A 98 -1.18 -50.68 -0.98
N ALA A 99 -2.05 -50.80 0.04
CA ALA A 99 -1.85 -50.05 1.27
C ALA A 99 -0.50 -50.38 1.90
N GLY A 100 -0.18 -51.66 2.01
CA GLY A 100 1.08 -52.05 2.64
C GLY A 100 2.31 -51.65 1.85
N ILE A 101 2.18 -51.59 0.52
CA ILE A 101 3.30 -51.14 -0.30
C ILE A 101 3.59 -49.65 -0.04
N VAL A 102 2.55 -48.82 -0.01
CA VAL A 102 2.80 -47.38 0.10
C VAL A 102 3.22 -46.96 1.50
N ASN A 103 3.02 -47.82 2.51
CA ASN A 103 3.43 -47.51 3.87
C ASN A 103 4.76 -48.12 4.24
N GLU A 104 5.37 -48.90 3.35
CA GLU A 104 6.67 -49.50 3.63
C GLU A 104 7.76 -48.43 3.61
N SER A 105 8.58 -48.40 4.65
CA SER A 105 9.63 -47.40 4.77
C SER A 105 10.72 -47.89 5.72
N LYS A 106 11.94 -47.40 5.48
CA LYS A 106 13.05 -47.62 6.40
C LYS A 106 12.90 -46.84 7.70
N TYR A 107 12.13 -45.77 7.71
CA TYR A 107 12.06 -44.89 8.87
C TYR A 107 10.63 -44.77 9.38
N ASP A 108 10.50 -44.31 10.62
CA ASP A 108 9.17 -44.06 11.18
C ASP A 108 8.45 -42.99 10.37
N TYR A 109 9.16 -41.92 9.99
CA TYR A 109 8.58 -40.78 9.30
C TYR A 109 9.40 -40.43 8.06
N ASP A 110 8.72 -39.93 7.02
CA ASP A 110 9.44 -39.32 5.91
C ASP A 110 10.07 -37.99 6.33
N LEU A 111 9.47 -37.30 7.31
CA LEU A 111 9.93 -35.98 7.72
C LEU A 111 9.66 -35.81 9.22
N ILE A 112 10.65 -35.31 9.96
CA ILE A 112 10.44 -34.86 11.33
C ILE A 112 10.81 -33.38 11.37
N VAL A 113 9.84 -32.55 11.78
CA VAL A 113 10.06 -31.12 12.02
C VAL A 113 10.24 -30.92 13.52
N ILE A 114 11.38 -30.33 13.92
CA ILE A 114 11.60 -29.97 15.32
C ILE A 114 11.29 -28.49 15.46
N GLY A 115 10.18 -28.18 16.13
CA GLY A 115 9.74 -26.80 16.28
C GLY A 115 8.42 -26.53 15.58
N GLY A 116 7.39 -26.16 16.35
CA GLY A 116 6.07 -25.92 15.78
C GLY A 116 5.68 -24.46 15.70
N GLY A 117 6.47 -23.66 14.98
CA GLY A 117 6.17 -22.24 14.82
C GLY A 117 5.91 -21.85 13.38
N SER A 118 6.15 -20.57 13.05
CA SER A 118 5.85 -20.06 11.71
C SER A 118 6.40 -20.97 10.60
N GLY A 119 7.70 -21.26 10.64
CA GLY A 119 8.32 -22.06 9.59
C GLY A 119 7.98 -23.53 9.67
N GLY A 120 8.07 -24.10 10.89
CA GLY A 120 7.87 -25.53 11.05
C GLY A 120 6.45 -25.99 10.75
N LEU A 121 5.45 -25.23 11.21
CA LEU A 121 4.08 -25.59 10.88
C LEU A 121 3.83 -25.50 9.39
N ALA A 122 4.40 -24.48 8.73
CA ALA A 122 4.23 -24.32 7.29
C ALA A 122 4.85 -25.48 6.53
N ALA A 123 6.08 -25.87 6.90
CA ALA A 123 6.76 -26.98 6.23
C ALA A 123 5.99 -28.30 6.42
N GLY A 124 5.58 -28.60 7.65
CA GLY A 124 4.96 -29.89 7.91
C GLY A 124 3.64 -30.09 7.19
N LYS A 125 2.77 -29.07 7.20
CA LYS A 125 1.50 -29.16 6.50
C LYS A 125 1.71 -29.33 5.01
N GLU A 126 2.68 -28.59 4.44
CA GLU A 126 2.91 -28.69 3.00
C GLU A 126 3.42 -30.07 2.60
N ALA A 127 4.38 -30.63 3.35
CA ALA A 127 4.91 -31.96 3.03
C ALA A 127 3.81 -33.01 3.03
N ALA A 128 2.95 -32.99 4.06
CA ALA A 128 1.87 -33.98 4.16
C ALA A 128 0.93 -33.96 2.95
N LYS A 129 0.79 -32.80 2.28
CA LYS A 129 -0.02 -32.71 1.06
C LYS A 129 0.40 -33.72 0.01
N TYR A 130 1.69 -34.08 -0.04
CA TYR A 130 2.24 -34.93 -1.10
C TYR A 130 2.51 -36.34 -0.62
N GLY A 131 1.89 -36.73 0.49
CA GLY A 131 1.98 -38.09 0.97
C GLY A 131 3.15 -38.40 1.87
N ALA A 132 3.94 -37.40 2.27
CA ALA A 132 5.03 -37.63 3.22
C ALA A 132 4.46 -37.83 4.63
N LYS A 133 4.85 -38.93 5.27
CA LYS A 133 4.44 -39.22 6.64
C LYS A 133 5.21 -38.32 7.60
N THR A 134 4.51 -37.38 8.25
CA THR A 134 5.12 -36.23 8.90
C THR A 134 4.82 -36.20 10.39
N ALA A 135 5.82 -35.79 11.19
CA ALA A 135 5.66 -35.50 12.60
C ALA A 135 6.17 -34.09 12.90
N VAL A 136 5.41 -33.33 13.70
CA VAL A 136 5.84 -32.00 14.14
C VAL A 136 5.96 -32.01 15.65
N LEU A 137 7.13 -31.65 16.17
CA LEU A 137 7.39 -31.60 17.60
C LEU A 137 7.37 -30.14 18.04
N ASP A 138 6.70 -29.83 19.15
CA ASP A 138 6.73 -28.49 19.72
C ASP A 138 6.68 -28.56 21.25
N TYR A 139 7.56 -27.80 21.89
CA TYR A 139 7.63 -27.67 23.34
C TYR A 139 8.01 -26.24 23.65
N VAL A 140 7.40 -25.68 24.69
CA VAL A 140 7.67 -24.30 25.10
C VAL A 140 8.28 -24.32 26.49
N GLU A 141 9.60 -24.13 26.57
CA GLU A 141 10.28 -23.96 27.86
C GLU A 141 9.73 -22.75 28.59
N PRO A 142 9.19 -22.88 29.80
CA PRO A 142 8.62 -21.71 30.50
C PRO A 142 9.67 -20.63 30.75
N THR A 143 9.21 -19.38 30.84
CA THR A 143 10.07 -18.27 31.20
C THR A 143 10.46 -18.38 32.67
N PRO A 144 11.43 -17.56 33.14
CA PRO A 144 11.81 -17.64 34.57
C PRO A 144 10.68 -17.45 35.55
N ILE A 145 9.62 -16.69 35.22
CA ILE A 145 8.49 -16.61 36.12
C ILE A 145 7.43 -17.68 35.83
N GLY A 146 7.65 -18.55 34.86
CA GLY A 146 6.73 -19.64 34.61
C GLY A 146 5.78 -19.46 33.43
N THR A 147 5.85 -18.36 32.69
CA THR A 147 4.94 -18.15 31.57
C THR A 147 5.15 -19.22 30.50
N THR A 148 4.05 -19.75 29.97
CA THR A 148 4.06 -20.70 28.86
C THR A 148 2.82 -20.47 28.00
N TRP A 149 2.75 -21.15 26.84
CA TRP A 149 1.69 -20.88 25.87
C TRP A 149 1.56 -22.07 24.93
N GLY A 150 0.65 -21.96 23.95
CA GLY A 150 0.25 -23.07 23.11
C GLY A 150 1.01 -23.16 21.79
N LEU A 151 0.48 -24.00 20.89
CA LEU A 151 1.13 -24.28 19.60
C LEU A 151 1.07 -23.08 18.67
N GLY A 152 2.15 -22.86 17.92
CA GLY A 152 2.18 -21.84 16.88
C GLY A 152 3.42 -20.96 16.81
N GLY A 153 4.24 -20.99 17.87
CA GLY A 153 5.52 -20.29 17.89
C GLY A 153 5.44 -18.87 18.41
N THR A 154 6.56 -18.15 18.21
CA THR A 154 6.77 -16.83 18.79
C THR A 154 5.78 -15.78 18.26
N CYS A 155 5.56 -15.75 16.94
CA CYS A 155 4.74 -14.70 16.35
C CYS A 155 3.29 -14.81 16.80
N VAL A 156 2.73 -16.01 16.73
CA VAL A 156 1.35 -16.27 17.15
C VAL A 156 1.15 -15.91 18.63
N ASN A 157 2.05 -16.37 19.50
CA ASN A 157 1.84 -16.34 20.95
C ASN A 157 2.47 -15.14 21.66
N VAL A 158 3.67 -14.71 21.28
CA VAL A 158 4.36 -13.66 22.05
C VAL A 158 5.11 -12.73 21.11
N GLY A 159 4.57 -12.50 19.90
CA GLY A 159 5.25 -11.74 18.86
C GLY A 159 4.31 -10.90 18.00
N CYS A 160 4.35 -11.06 16.67
CA CYS A 160 3.66 -10.12 15.78
C CYS A 160 2.18 -9.96 16.11
N ILE A 161 1.50 -11.05 16.45
CA ILE A 161 0.04 -11.02 16.62
C ILE A 161 -0.36 -10.22 17.86
N PRO A 162 0.08 -10.55 19.08
CA PRO A 162 -0.34 -9.73 20.22
C PRO A 162 0.24 -8.32 20.21
N LYS A 163 1.45 -8.14 19.67
CA LYS A 163 2.07 -6.81 19.59
C LYS A 163 1.23 -5.85 18.72
N LYS A 164 0.81 -6.31 17.53
CA LYS A 164 0.01 -5.41 16.68
C LYS A 164 -1.39 -5.18 17.23
N LEU A 165 -1.95 -6.15 17.95
CA LEU A 165 -3.24 -5.91 18.59
C LEU A 165 -3.12 -4.85 19.70
N MET A 166 -2.06 -4.93 20.50
CA MET A 166 -1.86 -3.89 21.51
C MET A 166 -1.49 -2.55 20.86
N HIS A 167 -0.74 -2.58 19.76
CA HIS A 167 -0.50 -1.37 18.97
C HIS A 167 -1.82 -0.75 18.52
N GLN A 168 -2.77 -1.58 18.06
CA GLN A 168 -4.06 -1.06 17.62
C GLN A 168 -4.85 -0.48 18.80
N ALA A 169 -4.78 -1.10 19.98
CA ALA A 169 -5.42 -0.48 21.14
C ALA A 169 -4.84 0.90 21.40
N GLY A 170 -3.53 1.05 21.19
CA GLY A 170 -2.90 2.36 21.36
C GLY A 170 -3.32 3.35 20.29
N LEU A 171 -3.43 2.91 19.03
CA LEU A 171 -3.86 3.82 17.98
C LEU A 171 -5.27 4.35 18.24
N LEU A 172 -6.12 3.54 18.87
CA LEU A 172 -7.51 3.94 19.05
C LEU A 172 -7.65 5.10 20.03
N SER A 173 -6.63 5.34 20.85
CA SER A 173 -6.66 6.48 21.75
C SER A 173 -6.62 7.79 20.98
N HIS A 174 -5.79 7.88 19.95
CA HIS A 174 -5.78 9.05 19.08
C HIS A 174 -7.06 9.13 18.25
N ALA A 175 -7.62 7.99 17.87
CA ALA A 175 -8.92 7.99 17.20
C ALA A 175 -9.99 8.63 18.08
N LEU A 176 -10.00 8.31 19.38
CA LEU A 176 -10.94 8.95 20.31
C LEU A 176 -10.73 10.47 20.38
N GLU A 177 -9.47 10.93 20.36
CA GLU A 177 -9.23 12.37 20.31
C GLU A 177 -9.70 12.96 18.99
N ASP A 178 -9.39 12.29 17.88
CA ASP A 178 -9.74 12.83 16.56
C ASP A 178 -11.24 12.95 16.38
N ALA A 179 -12.01 12.05 17.00
CA ALA A 179 -13.45 12.01 16.78
C ALA A 179 -14.13 13.31 17.23
N GLU A 180 -13.61 13.95 18.27
CA GLU A 180 -14.22 15.22 18.69
C GLU A 180 -14.16 16.26 17.59
N HIS A 181 -13.00 16.36 16.91
CA HIS A 181 -12.83 17.37 15.88
C HIS A 181 -13.68 17.07 14.66
N PHE A 182 -13.98 15.81 14.39
CA PHE A 182 -14.83 15.43 13.28
C PHE A 182 -16.31 15.45 13.65
N GLY A 183 -16.66 15.94 14.86
CA GLY A 183 -18.04 16.19 15.21
C GLY A 183 -18.70 15.25 16.22
N TRP A 184 -17.99 14.25 16.74
CA TRP A 184 -18.60 13.34 17.71
C TRP A 184 -18.57 13.92 19.13
N SER A 185 -19.61 13.60 19.92
CA SER A 185 -19.91 14.28 21.19
C SER A 185 -19.09 13.80 22.39
N LEU A 186 -18.20 12.82 22.23
CA LEU A 186 -17.46 12.32 23.38
C LEU A 186 -16.39 13.30 23.87
N ASP A 187 -15.98 13.14 25.13
CA ASP A 187 -14.87 13.87 25.73
C ASP A 187 -13.74 12.90 26.08
N ARG A 188 -12.68 12.91 25.27
CA ARG A 188 -11.54 12.00 25.44
C ARG A 188 -10.95 12.07 26.85
N SER A 189 -11.05 13.24 27.50
CA SER A 189 -10.43 13.44 28.81
C SER A 189 -11.10 12.63 29.92
N LYS A 190 -12.31 12.13 29.69
CA LYS A 190 -13.01 11.36 30.71
C LYS A 190 -13.04 9.86 30.41
N ILE A 191 -12.16 9.37 29.53
CA ILE A 191 -12.14 7.96 29.16
C ILE A 191 -10.80 7.37 29.57
N SER A 192 -10.83 6.15 30.10
CA SER A 192 -9.63 5.46 30.54
C SER A 192 -9.57 4.07 29.91
N HIS A 193 -8.41 3.42 30.06
CA HIS A 193 -8.14 2.10 29.49
C HIS A 193 -8.01 1.06 30.58
N ASN A 194 -8.55 -0.13 30.31
CA ASN A 194 -8.51 -1.25 31.25
C ASN A 194 -7.59 -2.32 30.65
N TRP A 195 -6.39 -2.45 31.23
CA TRP A 195 -5.38 -3.35 30.69
C TRP A 195 -5.88 -4.79 30.62
N SER A 196 -6.47 -5.29 31.71
CA SER A 196 -6.79 -6.71 31.75
C SER A 196 -7.93 -7.05 30.80
N THR A 197 -8.86 -6.11 30.58
CA THR A 197 -9.88 -6.34 29.55
C THR A 197 -9.24 -6.54 28.18
N MET A 198 -8.20 -5.74 27.86
CA MET A 198 -7.54 -5.89 26.58
C MET A 198 -6.79 -7.21 26.49
N VAL A 199 -6.04 -7.58 27.54
CA VAL A 199 -5.31 -8.85 27.54
C VAL A 199 -6.27 -10.02 27.34
N GLU A 200 -7.45 -9.98 27.98
CA GLU A 200 -8.41 -11.08 27.81
C GLU A 200 -8.81 -11.26 26.36
N GLY A 201 -9.09 -10.17 25.65
CA GLY A 201 -9.47 -10.28 24.26
C GLY A 201 -8.34 -10.74 23.35
N VAL A 202 -7.13 -10.21 23.59
CA VAL A 202 -5.96 -10.65 22.83
C VAL A 202 -5.75 -12.16 23.03
N GLN A 203 -5.75 -12.61 24.30
CA GLN A 203 -5.49 -14.03 24.58
C GLN A 203 -6.59 -14.93 24.03
N SER A 204 -7.82 -14.44 23.99
CA SER A 204 -8.88 -15.24 23.40
C SER A 204 -8.67 -15.47 21.90
N HIS A 205 -8.17 -14.46 21.18
CA HIS A 205 -7.84 -14.68 19.76
C HIS A 205 -6.62 -15.59 19.61
N ILE A 206 -5.58 -15.42 20.44
CA ILE A 206 -4.44 -16.33 20.39
C ILE A 206 -4.88 -17.77 20.65
N GLY A 207 -5.79 -17.98 21.59
CA GLY A 207 -6.28 -19.33 21.84
C GLY A 207 -6.99 -19.93 20.64
N SER A 208 -7.73 -19.12 19.88
CA SER A 208 -8.35 -19.63 18.65
C SER A 208 -7.29 -20.03 17.62
N LEU A 209 -6.14 -19.37 17.64
CA LEU A 209 -5.04 -19.75 16.74
C LEU A 209 -4.40 -21.07 17.19
N ASN A 210 -4.10 -21.20 18.50
CA ASN A 210 -3.58 -22.47 19.02
C ASN A 210 -4.47 -23.63 18.56
N TRP A 211 -5.77 -23.51 18.81
CA TRP A 211 -6.72 -24.58 18.43
C TRP A 211 -6.73 -24.80 16.93
N GLY A 212 -6.75 -23.72 16.15
CA GLY A 212 -6.81 -23.84 14.70
C GLY A 212 -5.64 -24.60 14.10
N TYR A 213 -4.44 -24.45 14.69
CA TYR A 213 -3.28 -25.19 14.20
C TYR A 213 -3.36 -26.68 14.53
N LYS A 214 -3.82 -27.02 15.75
CA LYS A 214 -4.00 -28.43 16.07
C LYS A 214 -5.06 -29.07 15.18
N VAL A 215 -6.14 -28.35 14.87
CA VAL A 215 -7.14 -28.85 13.93
C VAL A 215 -6.51 -29.10 12.57
N ALA A 216 -5.70 -28.14 12.10
CA ALA A 216 -5.11 -28.26 10.77
C ALA A 216 -4.10 -29.41 10.68
N LEU A 217 -3.37 -29.70 11.76
CA LEU A 217 -2.46 -30.83 11.67
C LEU A 217 -3.23 -32.15 11.68
N ARG A 218 -4.26 -32.24 12.52
CA ARG A 218 -5.17 -33.39 12.48
C ARG A 218 -5.70 -33.64 11.07
N ASP A 219 -6.30 -32.62 10.45
CA ASP A 219 -6.95 -32.80 9.15
C ASP A 219 -5.95 -33.02 8.01
N ASN A 220 -4.66 -32.87 8.25
CA ASN A 220 -3.65 -33.23 7.28
C ASN A 220 -2.90 -34.52 7.64
N GLN A 221 -3.37 -35.25 8.67
CA GLN A 221 -2.75 -36.52 9.08
C GLN A 221 -1.29 -36.34 9.52
N VAL A 222 -0.95 -35.17 10.03
CA VAL A 222 0.35 -34.92 10.64
C VAL A 222 0.29 -35.32 12.10
N THR A 223 1.30 -36.05 12.58
CA THR A 223 1.38 -36.40 14.00
C THR A 223 1.97 -35.23 14.79
N TYR A 224 1.24 -34.75 15.79
CA TYR A 224 1.73 -33.67 16.64
C TYR A 224 2.13 -34.21 18.02
N LEU A 225 3.40 -34.02 18.37
CA LEU A 225 3.90 -34.41 19.68
C LEU A 225 4.30 -33.16 20.48
N ASN A 226 3.63 -32.94 21.62
CA ASN A 226 3.96 -31.83 22.52
C ASN A 226 5.14 -32.27 23.39
N ALA A 227 6.33 -32.27 22.78
CA ALA A 227 7.51 -32.93 23.35
C ALA A 227 8.78 -32.23 22.87
N LYS A 228 9.78 -32.18 23.73
CA LYS A 228 11.06 -31.56 23.39
C LYS A 228 11.92 -32.54 22.59
N GLY A 229 12.42 -32.08 21.44
CA GLY A 229 13.19 -32.94 20.54
C GLY A 229 14.68 -32.64 20.58
N ARG A 230 15.48 -33.66 20.32
CA ARG A 230 16.94 -33.52 20.27
C ARG A 230 17.49 -34.43 19.17
N LEU A 231 18.18 -33.84 18.20
CA LEU A 231 18.76 -34.63 17.11
C LEU A 231 20.06 -35.25 17.59
N ILE A 232 20.09 -36.58 17.68
CA ILE A 232 21.26 -37.28 18.23
C ILE A 232 22.08 -38.00 17.16
N SER A 233 21.51 -38.27 16.00
CA SER A 233 22.24 -38.73 14.83
C SER A 233 21.49 -38.25 13.60
N PRO A 234 22.05 -38.39 12.40
CA PRO A 234 21.38 -37.81 11.22
C PRO A 234 19.91 -38.18 11.06
N HIS A 235 19.50 -39.37 11.50
CA HIS A 235 18.14 -39.84 11.29
C HIS A 235 17.38 -40.14 12.57
N GLU A 236 17.93 -39.84 13.76
CA GLU A 236 17.35 -40.21 15.04
C GLU A 236 17.06 -38.98 15.90
N VAL A 237 15.81 -38.84 16.33
CA VAL A 237 15.37 -37.74 17.17
C VAL A 237 14.92 -38.31 18.51
N GLN A 238 15.55 -37.86 19.58
CA GLN A 238 15.18 -38.23 20.93
C GLN A 238 14.12 -37.26 21.47
N ILE A 239 13.00 -37.81 21.96
CA ILE A 239 11.90 -37.00 22.47
C ILE A 239 11.75 -37.21 23.97
N THR A 240 11.34 -36.14 24.65
CA THR A 240 11.05 -36.15 26.08
C THR A 240 9.69 -35.51 26.30
N ASP A 241 8.72 -36.29 26.80
CA ASP A 241 7.34 -35.83 26.89
C ASP A 241 7.10 -35.13 28.24
N LYS A 242 5.82 -34.81 28.52
CA LYS A 242 5.49 -34.04 29.72
C LYS A 242 5.69 -34.84 31.00
N ASN A 243 5.77 -36.16 30.92
CA ASN A 243 6.01 -37.03 32.08
C ASN A 243 7.47 -37.47 32.18
N GLN A 244 8.36 -36.85 31.39
CA GLN A 244 9.79 -37.17 31.33
C GLN A 244 10.08 -38.54 30.72
N LYS A 245 9.11 -39.15 30.04
CA LYS A 245 9.38 -40.38 29.30
C LYS A 245 10.25 -40.06 28.08
N VAL A 246 11.40 -40.75 27.97
CA VAL A 246 12.34 -40.55 26.87
C VAL A 246 12.17 -41.68 25.87
N SER A 247 12.29 -41.35 24.58
CA SER A 247 12.20 -42.36 23.53
C SER A 247 12.78 -41.77 22.24
N THR A 248 12.93 -42.63 21.22
CA THR A 248 13.60 -42.26 19.98
C THR A 248 12.70 -42.58 18.79
N ILE A 249 12.61 -41.64 17.85
CA ILE A 249 11.93 -41.85 16.58
C ILE A 249 12.92 -41.58 15.45
N THR A 250 12.62 -42.12 14.27
CA THR A 250 13.48 -41.97 13.10
C THR A 250 12.72 -41.31 11.96
N GLY A 251 13.45 -40.54 11.16
CA GLY A 251 12.88 -39.95 9.97
C GLY A 251 13.91 -39.85 8.87
N ASN A 252 13.44 -39.90 7.63
CA ASN A 252 14.33 -39.71 6.48
C ASN A 252 14.91 -38.28 6.47
N LYS A 253 14.04 -37.28 6.28
CA LYS A 253 14.44 -35.87 6.27
C LYS A 253 14.14 -35.21 7.62
N ILE A 254 15.03 -34.32 8.05
CA ILE A 254 14.87 -33.55 9.28
C ILE A 254 14.85 -32.06 8.94
N ILE A 255 13.89 -31.33 9.50
CA ILE A 255 13.86 -29.88 9.39
C ILE A 255 13.96 -29.30 10.80
N LEU A 256 15.02 -28.52 11.03
CA LEU A 256 15.19 -27.81 12.30
C LEU A 256 14.50 -26.44 12.20
N ALA A 257 13.57 -26.17 13.11
CA ALA A 257 12.81 -24.92 13.04
C ALA A 257 12.46 -24.43 14.45
N THR A 258 13.47 -24.33 15.31
CA THR A 258 13.25 -24.12 16.74
C THR A 258 13.31 -22.66 17.20
N GLY A 259 13.66 -21.72 16.32
CA GLY A 259 13.60 -20.30 16.67
C GLY A 259 14.55 -19.86 17.79
N GLU A 260 14.19 -18.75 18.43
CA GLU A 260 15.02 -18.08 19.44
C GLU A 260 14.19 -17.71 20.67
N ARG A 261 14.87 -17.21 21.69
CA ARG A 261 14.25 -16.71 22.91
C ARG A 261 14.97 -15.44 23.35
N PRO A 262 14.32 -14.61 24.17
CA PRO A 262 14.95 -13.35 24.56
C PRO A 262 16.21 -13.55 25.41
N LYS A 263 17.14 -12.61 25.30
CA LYS A 263 18.34 -12.52 26.13
C LYS A 263 18.09 -11.70 27.40
N TYR A 264 18.87 -11.99 28.45
CA TYR A 264 18.96 -11.17 29.64
C TYR A 264 20.40 -10.68 29.84
N PRO A 265 20.60 -9.44 30.25
CA PRO A 265 21.97 -9.01 30.58
C PRO A 265 22.44 -9.66 31.88
N GLU A 266 23.77 -9.81 32.00
CA GLU A 266 24.34 -10.50 33.16
C GLU A 266 24.62 -9.48 34.27
N ILE A 267 23.54 -9.09 34.95
CA ILE A 267 23.62 -8.15 36.08
C ILE A 267 22.77 -8.71 37.21
N PRO A 268 23.06 -8.36 38.47
CA PRO A 268 22.21 -8.84 39.58
C PRO A 268 20.80 -8.31 39.45
N GLY A 269 19.82 -9.19 39.71
CA GLY A 269 18.43 -8.79 39.73
C GLY A 269 17.66 -8.93 38.42
N ALA A 270 18.35 -9.15 37.28
CA ALA A 270 17.66 -9.12 36.00
C ALA A 270 16.67 -10.29 35.84
N VAL A 271 17.15 -11.53 35.97
CA VAL A 271 16.27 -12.68 35.83
C VAL A 271 15.23 -12.72 36.93
N GLU A 272 15.64 -12.38 38.16
CA GLU A 272 14.78 -12.48 39.32
C GLU A 272 13.63 -11.46 39.28
N TYR A 273 13.88 -10.24 38.84
CA TYR A 273 12.88 -9.19 39.03
C TYR A 273 12.42 -8.48 37.76
N GLY A 274 13.08 -8.67 36.61
CA GLY A 274 12.62 -8.12 35.36
C GLY A 274 11.84 -9.16 34.55
N ILE A 275 11.25 -8.70 33.45
CA ILE A 275 10.54 -9.57 32.51
C ILE A 275 11.03 -9.28 31.09
N THR A 276 10.52 -10.05 30.13
CA THR A 276 10.74 -9.84 28.71
C THR A 276 9.39 -9.77 27.99
N SER A 277 9.47 -9.62 26.66
CA SER A 277 8.26 -9.68 25.84
C SER A 277 7.53 -11.01 25.99
N ASP A 278 8.24 -12.11 26.27
CA ASP A 278 7.59 -13.41 26.49
C ASP A 278 6.51 -13.31 27.56
N ASP A 279 6.73 -12.47 28.58
CA ASP A 279 5.81 -12.34 29.71
C ASP A 279 4.78 -11.24 29.50
N LEU A 280 5.11 -10.22 28.69
CA LEU A 280 4.30 -9.00 28.64
C LEU A 280 2.91 -9.26 28.08
N PHE A 281 2.80 -10.08 27.04
CA PHE A 281 1.53 -10.19 26.32
C PHE A 281 0.45 -10.97 27.05
N SER A 282 0.76 -11.62 28.19
CA SER A 282 -0.28 -12.23 29.01
C SER A 282 -0.25 -11.73 30.47
N LEU A 283 0.34 -10.58 30.72
CA LEU A 283 0.52 -10.11 32.10
C LEU A 283 -0.83 -9.85 32.77
N PRO A 284 -1.11 -10.43 33.94
CA PRO A 284 -2.42 -10.22 34.59
C PRO A 284 -2.68 -8.79 35.07
N TYR A 285 -1.63 -7.98 35.31
CA TYR A 285 -1.76 -6.61 35.80
C TYR A 285 -1.11 -5.64 34.81
N PHE A 286 -1.56 -4.40 34.81
CA PHE A 286 -0.92 -3.36 34.00
C PHE A 286 0.50 -3.12 34.52
N PRO A 287 1.50 -3.05 33.65
CA PRO A 287 2.89 -2.87 34.13
C PRO A 287 3.12 -1.66 35.04
N GLY A 288 2.37 -0.57 34.88
CA GLY A 288 2.60 0.62 35.69
C GLY A 288 3.72 1.49 35.13
N LYS A 289 4.38 2.24 36.01
CA LYS A 289 5.58 2.97 35.58
C LYS A 289 6.66 1.98 35.17
N THR A 290 7.08 2.05 33.90
CA THR A 290 7.84 0.99 33.25
C THR A 290 9.17 1.52 32.70
N LEU A 291 10.23 0.74 32.86
CA LEU A 291 11.50 0.99 32.17
C LEU A 291 11.72 -0.11 31.15
N VAL A 292 11.97 0.28 29.89
CA VAL A 292 12.32 -0.65 28.82
C VAL A 292 13.81 -0.49 28.55
N ILE A 293 14.58 -1.55 28.75
CA ILE A 293 16.02 -1.52 28.53
C ILE A 293 16.30 -2.12 27.15
N GLY A 294 16.91 -1.32 26.28
CA GLY A 294 17.19 -1.73 24.91
C GLY A 294 16.58 -0.76 23.91
N ALA A 295 16.88 -1.02 22.63
CA ALA A 295 16.50 -0.09 21.58
C ALA A 295 16.21 -0.75 20.24
N SER A 296 15.96 -2.06 20.23
CA SER A 296 15.49 -2.80 19.07
C SER A 296 14.06 -2.37 18.70
N TYR A 297 13.56 -2.92 17.58
CA TYR A 297 12.16 -2.65 17.24
C TYR A 297 11.21 -3.24 18.30
N VAL A 298 11.58 -4.35 18.95
CA VAL A 298 10.78 -4.89 20.03
C VAL A 298 10.69 -3.89 21.18
N ALA A 299 11.83 -3.30 21.56
CA ALA A 299 11.87 -2.31 22.64
C ALA A 299 10.98 -1.10 22.36
N LEU A 300 11.10 -0.51 21.16
CA LEU A 300 10.36 0.70 20.83
C LEU A 300 8.86 0.43 20.61
N GLU A 301 8.50 -0.71 19.99
CA GLU A 301 7.08 -1.01 19.78
C GLU A 301 6.35 -1.16 21.12
N CYS A 302 6.98 -1.86 22.08
CA CYS A 302 6.37 -2.07 23.38
C CYS A 302 6.29 -0.77 24.18
N ALA A 303 7.39 0.00 24.23
CA ALA A 303 7.36 1.30 24.90
C ALA A 303 6.30 2.20 24.31
N GLY A 304 6.16 2.18 22.98
CA GLY A 304 5.16 2.95 22.28
C GLY A 304 3.73 2.67 22.69
N PHE A 305 3.28 1.40 22.64
CA PHE A 305 1.87 1.23 22.98
C PHE A 305 1.63 1.37 24.49
N LEU A 306 2.63 1.08 25.33
CA LEU A 306 2.40 1.27 26.77
C LEU A 306 2.14 2.74 27.10
N ALA A 307 2.83 3.66 26.41
CA ALA A 307 2.61 5.09 26.64
C ALA A 307 1.24 5.54 26.14
N SER A 308 0.82 5.06 24.96
CA SER A 308 -0.50 5.38 24.43
C SER A 308 -1.64 4.82 25.28
N LEU A 309 -1.39 3.79 26.09
CA LEU A 309 -2.42 3.27 26.99
C LEU A 309 -2.34 3.88 28.40
N GLY A 310 -1.56 4.94 28.58
CA GLY A 310 -1.55 5.68 29.82
C GLY A 310 -0.36 5.42 30.73
N GLY A 311 0.61 4.62 30.29
CA GLY A 311 1.75 4.32 31.13
C GLY A 311 2.77 5.45 31.17
N ASP A 312 3.47 5.54 32.30
CA ASP A 312 4.65 6.39 32.46
C ASP A 312 5.84 5.52 32.04
N VAL A 313 6.47 5.85 30.91
CA VAL A 313 7.41 4.93 30.25
C VAL A 313 8.73 5.62 29.96
N THR A 314 9.85 4.90 30.23
CA THR A 314 11.21 5.33 29.92
C THR A 314 11.91 4.22 29.14
N VAL A 315 12.69 4.59 28.12
CA VAL A 315 13.54 3.67 27.35
C VAL A 315 15.00 4.03 27.62
N MET A 316 15.81 3.05 28.05
CA MET A 316 17.23 3.26 28.32
C MET A 316 18.06 2.72 27.14
N VAL A 317 18.76 3.62 26.44
CA VAL A 317 19.40 3.35 25.16
C VAL A 317 20.92 3.29 25.34
N ARG A 318 21.51 2.13 25.04
CA ARG A 318 22.97 1.98 25.17
C ARG A 318 23.71 2.91 24.21
N SER A 319 23.39 2.85 22.90
CA SER A 319 24.05 3.70 21.91
C SER A 319 23.03 4.38 20.99
N ILE A 320 22.48 3.67 20.02
CA ILE A 320 21.56 4.26 19.03
C ILE A 320 20.26 3.45 18.99
N LEU A 321 19.23 4.05 18.37
CA LEU A 321 17.98 3.36 18.09
C LEU A 321 18.08 2.55 16.80
N LEU A 322 17.41 1.40 16.76
CA LEU A 322 17.19 0.63 15.54
C LEU A 322 18.50 0.41 14.77
N ARG A 323 19.53 -0.09 15.48
CA ARG A 323 20.80 -0.44 14.83
C ARG A 323 20.57 -1.40 13.66
N GLY A 324 21.17 -1.10 12.53
CA GLY A 324 20.93 -1.85 11.31
C GLY A 324 19.84 -1.28 10.40
N PHE A 325 18.99 -0.39 10.88
CA PHE A 325 18.04 0.35 10.05
C PHE A 325 18.61 1.73 9.69
N ASP A 326 18.13 2.31 8.59
CA ASP A 326 18.48 3.68 8.20
C ASP A 326 18.38 4.63 9.39
N GLN A 327 19.50 5.32 9.70
CA GLN A 327 19.59 6.05 10.97
C GLN A 327 18.85 7.39 10.96
N GLN A 328 18.70 8.04 9.81
CA GLN A 328 17.84 9.21 9.74
C GLN A 328 16.40 8.84 10.05
N MET A 329 15.93 7.72 9.49
CA MET A 329 14.56 7.28 9.78
C MET A 329 14.40 6.89 11.26
N ALA A 330 15.40 6.19 11.84
CA ALA A 330 15.31 5.83 13.25
C ALA A 330 15.20 7.05 14.15
N GLU A 331 15.98 8.09 13.86
CA GLU A 331 15.91 9.29 14.70
C GLU A 331 14.55 9.99 14.58
N LYS A 332 13.95 10.02 13.39
CA LYS A 332 12.59 10.56 13.24
C LYS A 332 11.56 9.75 14.04
N VAL A 333 11.70 8.41 14.02
CA VAL A 333 10.84 7.54 14.82
C VAL A 333 10.95 7.89 16.30
N GLY A 334 12.18 7.97 16.82
CA GLY A 334 12.37 8.27 18.23
C GLY A 334 11.91 9.66 18.63
N ASP A 335 12.14 10.66 17.76
CA ASP A 335 11.69 12.03 18.06
C ASP A 335 10.17 12.11 18.20
N TYR A 336 9.45 11.38 17.36
CA TYR A 336 7.99 11.38 17.48
C TYR A 336 7.56 10.77 18.82
N MET A 337 8.17 9.65 19.21
CA MET A 337 7.80 9.05 20.50
C MET A 337 8.15 9.97 21.66
N GLU A 338 9.29 10.66 21.57
CA GLU A 338 9.65 11.58 22.65
C GLU A 338 8.69 12.77 22.71
N ASN A 339 8.14 13.19 21.57
CA ASN A 339 7.18 14.28 21.53
C ASN A 339 5.80 13.86 22.01
N HIS A 340 5.48 12.57 21.96
CA HIS A 340 4.20 12.04 22.42
C HIS A 340 4.36 11.12 23.63
N GLY A 341 5.20 11.51 24.58
CA GLY A 341 5.12 10.98 25.93
C GLY A 341 6.24 10.05 26.37
N VAL A 342 7.01 9.47 25.46
CA VAL A 342 8.04 8.51 25.86
C VAL A 342 9.32 9.25 26.28
N LYS A 343 9.85 8.92 27.46
CA LYS A 343 11.12 9.49 27.94
C LYS A 343 12.28 8.59 27.55
N PHE A 344 13.43 9.18 27.26
CA PHE A 344 14.62 8.43 26.85
C PHE A 344 15.81 8.74 27.78
N ALA A 345 16.47 7.69 28.25
CA ALA A 345 17.74 7.80 28.98
C ALA A 345 18.85 7.33 28.04
N LYS A 346 19.50 8.30 27.38
CA LYS A 346 20.37 8.03 26.26
C LYS A 346 21.82 7.84 26.70
N LEU A 347 22.54 6.99 25.98
CA LEU A 347 23.92 6.58 26.28
C LEU A 347 24.03 6.04 27.71
N CYS A 348 23.17 5.06 28.03
CA CYS A 348 23.04 4.59 29.40
C CYS A 348 22.82 3.07 29.44
N VAL A 349 23.38 2.41 30.44
CA VAL A 349 23.27 0.96 30.61
C VAL A 349 22.94 0.61 32.07
N PRO A 350 22.26 -0.51 32.33
CA PRO A 350 21.93 -0.89 33.71
C PRO A 350 23.03 -1.69 34.42
N ASP A 351 23.21 -1.41 35.72
CA ASP A 351 24.17 -2.15 36.54
C ASP A 351 23.53 -3.13 37.53
N GLU A 352 22.33 -2.84 38.04
CA GLU A 352 21.64 -3.82 38.88
C GLU A 352 20.18 -3.43 39.07
N ILE A 353 19.35 -4.44 39.35
CA ILE A 353 17.94 -4.26 39.72
C ILE A 353 17.77 -4.70 41.18
N LYS A 354 17.21 -3.83 42.01
CA LYS A 354 16.96 -4.17 43.41
C LYS A 354 15.45 -4.25 43.65
N GLN A 355 15.01 -5.20 44.48
CA GLN A 355 13.58 -5.41 44.72
C GLN A 355 13.13 -4.62 45.94
N LEU A 356 12.17 -3.71 45.75
CA LEU A 356 11.57 -2.96 46.85
C LEU A 356 10.20 -3.49 47.30
N LYS A 357 9.40 -4.05 46.38
CA LYS A 357 8.16 -4.74 46.70
C LYS A 357 8.03 -5.97 45.81
N VAL A 358 7.48 -7.05 46.38
CA VAL A 358 7.15 -8.27 45.64
C VAL A 358 5.87 -8.06 44.84
N VAL A 359 5.77 -8.75 43.69
CA VAL A 359 4.53 -8.72 42.91
C VAL A 359 3.38 -9.23 43.76
N ASP A 360 2.25 -8.51 43.70
CA ASP A 360 1.05 -8.80 44.50
C ASP A 360 0.08 -9.65 43.66
N THR A 361 0.20 -10.98 43.77
CA THR A 361 -0.71 -11.86 43.05
C THR A 361 -2.15 -11.68 43.51
N GLU A 362 -2.34 -11.55 44.82
CA GLU A 362 -3.65 -11.37 45.44
C GLU A 362 -4.39 -10.19 44.80
N ASN A 363 -3.91 -8.98 45.02
CA ASN A 363 -4.59 -7.78 44.55
C ASN A 363 -4.34 -7.46 43.08
N ASN A 364 -3.54 -8.27 42.37
CA ASN A 364 -3.27 -8.10 40.95
C ASN A 364 -2.61 -6.75 40.64
N LYS A 365 -1.41 -6.56 41.20
CA LYS A 365 -0.66 -5.33 41.06
C LYS A 365 0.82 -5.64 40.91
N PRO A 366 1.56 -4.80 40.18
CA PRO A 366 3.00 -5.02 40.05
C PRO A 366 3.72 -4.83 41.38
N GLY A 367 5.02 -5.15 41.38
CA GLY A 367 5.90 -4.85 42.50
C GLY A 367 6.51 -3.48 42.38
N LEU A 368 7.71 -3.32 42.94
CA LEU A 368 8.44 -2.06 42.88
C LEU A 368 9.94 -2.38 42.87
N LEU A 369 10.67 -1.67 42.01
CA LEU A 369 12.08 -1.96 41.77
C LEU A 369 12.89 -0.68 41.82
N LEU A 370 14.16 -0.81 42.18
CA LEU A 370 15.13 0.28 42.09
C LEU A 370 16.16 -0.12 41.03
N VAL A 371 16.35 0.73 40.01
CA VAL A 371 17.28 0.47 38.92
C VAL A 371 18.48 1.41 39.05
N LYS A 372 19.69 0.85 39.12
CA LYS A 372 20.92 1.62 39.14
C LYS A 372 21.71 1.35 37.87
N GLY A 373 22.26 2.42 37.27
CA GLY A 373 23.07 2.30 36.07
C GLY A 373 24.06 3.44 35.90
N HIS A 374 24.63 3.60 34.71
CA HIS A 374 25.52 4.74 34.46
C HIS A 374 25.52 5.12 32.99
N TYR A 375 25.75 6.41 32.74
CA TYR A 375 25.94 6.98 31.42
C TYR A 375 27.39 6.78 30.95
N THR A 376 27.60 6.90 29.64
CA THR A 376 28.92 6.56 29.12
C THR A 376 30.01 7.50 29.63
N ASP A 377 29.65 8.66 30.18
CA ASP A 377 30.65 9.55 30.76
C ASP A 377 30.88 9.27 32.24
N GLY A 378 30.19 8.27 32.81
CA GLY A 378 30.39 7.89 34.18
C GLY A 378 29.41 8.47 35.18
N LYS A 379 28.58 9.44 34.79
CA LYS A 379 27.54 9.90 35.71
C LYS A 379 26.57 8.76 36.00
N LYS A 380 25.91 8.83 37.15
CA LYS A 380 25.09 7.75 37.68
C LYS A 380 23.63 7.89 37.29
N PHE A 381 22.97 6.74 37.08
CA PHE A 381 21.53 6.64 36.89
C PHE A 381 20.94 5.90 38.09
N GLU A 382 19.88 6.45 38.71
CA GLU A 382 19.16 5.78 39.79
C GLU A 382 17.71 6.24 39.85
N GLU A 383 16.76 5.31 39.67
CA GLU A 383 15.34 5.65 39.63
C GLU A 383 14.50 4.40 39.92
N GLU A 384 13.29 4.61 40.44
CA GLU A 384 12.37 3.53 40.79
C GLU A 384 11.34 3.29 39.68
N PHE A 385 11.05 2.00 39.41
CA PHE A 385 10.06 1.57 38.40
C PHE A 385 9.27 0.38 38.94
N GLU A 386 8.00 0.28 38.51
CA GLU A 386 7.18 -0.87 38.91
C GLU A 386 7.49 -2.10 38.07
N THR A 387 7.86 -1.93 36.79
CA THR A 387 8.13 -3.01 35.85
C THR A 387 9.37 -2.65 35.05
N VAL A 388 10.25 -3.62 34.84
CA VAL A 388 11.45 -3.45 34.02
C VAL A 388 11.42 -4.52 32.94
N ILE A 389 11.35 -4.10 31.67
CA ILE A 389 11.32 -5.02 30.53
C ILE A 389 12.67 -4.99 29.83
N PHE A 390 13.29 -6.16 29.68
CA PHE A 390 14.53 -6.30 28.92
C PHE A 390 14.22 -6.68 27.48
N ALA A 391 14.65 -5.85 26.53
CA ALA A 391 14.59 -6.14 25.09
C ALA A 391 15.98 -5.88 24.52
N VAL A 392 16.90 -6.80 24.79
CA VAL A 392 18.32 -6.63 24.48
C VAL A 392 18.78 -7.73 23.53
N GLY A 393 17.86 -8.25 22.72
CA GLY A 393 18.22 -9.21 21.69
C GLY A 393 17.64 -10.59 21.98
N ARG A 394 17.80 -11.46 20.99
CA ARG A 394 17.28 -12.82 21.03
C ARG A 394 18.36 -13.74 20.49
N GLU A 395 18.37 -14.99 20.96
CA GLU A 395 19.42 -15.94 20.63
C GLU A 395 18.85 -17.35 20.52
N PRO A 396 19.41 -18.19 19.66
CA PRO A 396 19.03 -19.61 19.63
C PRO A 396 19.74 -20.37 20.73
N GLN A 397 19.23 -21.56 21.02
CA GLN A 397 19.83 -22.40 22.05
C GLN A 397 20.06 -23.79 21.48
N LEU A 398 20.84 -23.86 20.38
CA LEU A 398 20.91 -25.10 19.62
C LEU A 398 21.66 -26.21 20.36
N SER A 399 22.47 -25.86 21.36
CA SER A 399 23.03 -26.88 22.26
C SER A 399 21.94 -27.75 22.89
N LYS A 400 20.75 -27.18 23.13
CA LYS A 400 19.61 -27.96 23.65
C LYS A 400 18.93 -28.81 22.59
N VAL A 401 19.22 -28.56 21.30
CA VAL A 401 18.48 -29.20 20.21
C VAL A 401 19.36 -30.18 19.43
N LEU A 402 20.67 -30.07 19.53
CA LEU A 402 21.55 -30.58 18.49
C LEU A 402 22.82 -31.12 19.15
N CYS A 403 22.97 -32.44 19.17
CA CYS A 403 24.21 -33.05 19.65
C CYS A 403 25.36 -32.66 18.74
N GLU A 404 26.50 -32.33 19.35
CA GLU A 404 27.67 -31.87 18.58
C GLU A 404 28.19 -32.96 17.64
N THR A 405 27.97 -34.23 17.96
CA THR A 405 28.50 -35.29 17.13
C THR A 405 27.72 -35.54 15.85
N VAL A 406 26.57 -34.89 15.67
CA VAL A 406 25.83 -35.08 14.42
C VAL A 406 26.58 -34.46 13.25
N GLY A 407 27.34 -33.40 13.49
CA GLY A 407 28.08 -32.75 12.42
C GLY A 407 27.42 -31.54 11.78
N VAL A 408 26.36 -30.99 12.38
CA VAL A 408 25.72 -29.79 11.86
C VAL A 408 26.52 -28.56 12.26
N LYS A 409 27.07 -27.86 11.27
CA LYS A 409 27.92 -26.68 11.52
C LYS A 409 27.11 -25.47 11.94
N LEU A 410 27.64 -24.71 12.89
CA LEU A 410 27.09 -23.43 13.34
C LEU A 410 28.10 -22.31 13.13
N ASP A 411 27.60 -21.07 13.10
CA ASP A 411 28.44 -19.89 12.94
C ASP A 411 28.80 -19.35 14.33
N LYS A 412 29.46 -18.18 14.40
CA LYS A 412 29.94 -17.69 15.68
C LYS A 412 28.83 -17.15 16.59
N ASN A 413 27.62 -16.99 16.07
CA ASN A 413 26.45 -16.60 16.84
C ASN A 413 25.56 -17.77 17.23
N GLY A 414 25.94 -18.99 16.88
CA GLY A 414 25.12 -20.14 17.20
C GLY A 414 24.00 -20.43 16.21
N ARG A 415 23.99 -19.79 15.05
CA ARG A 415 22.98 -20.08 14.03
C ARG A 415 23.54 -21.10 13.03
N VAL A 416 22.65 -21.75 12.27
CA VAL A 416 23.02 -22.85 11.39
C VAL A 416 23.48 -22.33 10.04
N VAL A 417 24.64 -22.80 9.58
CA VAL A 417 25.16 -22.46 8.27
C VAL A 417 24.50 -23.34 7.22
N CYS A 418 23.78 -22.72 6.27
CA CYS A 418 22.99 -23.43 5.28
C CYS A 418 23.37 -23.02 3.86
N THR A 419 23.22 -23.95 2.92
CA THR A 419 23.30 -23.60 1.51
C THR A 419 22.04 -22.81 1.11
N ASP A 420 22.03 -22.32 -0.13
CA ASP A 420 20.89 -21.55 -0.60
C ASP A 420 19.62 -22.40 -0.81
N ASP A 421 19.65 -23.70 -0.54
CA ASP A 421 18.43 -24.50 -0.52
C ASP A 421 18.13 -25.01 0.89
N GLU A 422 18.63 -24.31 1.91
CA GLU A 422 18.43 -24.58 3.34
C GLU A 422 19.11 -25.88 3.83
N GLN A 423 19.96 -26.51 3.02
CA GLN A 423 20.66 -27.73 3.46
C GLN A 423 21.78 -27.39 4.44
N THR A 424 21.84 -28.09 5.58
CA THR A 424 22.95 -27.96 6.53
C THR A 424 24.16 -28.73 6.02
N THR A 425 25.19 -28.90 6.88
CA THR A 425 26.36 -29.70 6.50
C THR A 425 26.09 -31.20 6.52
N VAL A 426 24.91 -31.62 7.00
CA VAL A 426 24.49 -33.02 7.01
C VAL A 426 23.38 -33.16 5.96
N SER A 427 23.56 -34.07 5.00
CA SER A 427 22.88 -33.96 3.72
C SER A 427 21.36 -34.14 3.81
N ASN A 428 20.87 -34.87 4.80
CA ASN A 428 19.42 -35.08 4.98
C ASN A 428 18.79 -34.08 5.95
N VAL A 429 19.55 -33.11 6.47
CA VAL A 429 19.08 -32.23 7.53
C VAL A 429 19.07 -30.79 7.02
N TYR A 430 17.97 -30.08 7.28
CA TYR A 430 17.76 -28.72 6.80
C TYR A 430 17.39 -27.82 7.98
N ALA A 431 17.52 -26.50 7.78
CA ALA A 431 17.13 -25.52 8.79
C ALA A 431 16.42 -24.34 8.13
N ILE A 432 15.41 -23.79 8.81
CA ILE A 432 14.58 -22.71 8.30
C ILE A 432 14.25 -21.75 9.43
N GLY A 433 13.85 -20.53 9.07
CA GLY A 433 13.41 -19.56 10.04
C GLY A 433 14.57 -18.82 10.69
N ASP A 434 14.36 -18.41 11.96
CA ASP A 434 15.31 -17.51 12.62
C ASP A 434 16.68 -18.13 12.83
N ILE A 435 16.77 -19.46 12.95
CA ILE A 435 18.07 -20.10 13.19
C ILE A 435 18.91 -20.28 11.92
N ASN A 436 18.37 -20.00 10.74
CA ASN A 436 19.15 -20.06 9.51
C ASN A 436 20.02 -18.81 9.44
N ALA A 437 21.35 -18.99 9.51
CA ALA A 437 22.28 -17.86 9.64
C ALA A 437 22.19 -16.89 8.47
N GLY A 438 22.30 -15.60 8.77
CA GLY A 438 22.34 -14.57 7.75
C GLY A 438 21.01 -14.20 7.12
N LYS A 439 19.90 -14.87 7.48
CA LYS A 439 18.63 -14.57 6.83
C LYS A 439 17.83 -13.54 7.64
N PRO A 440 16.96 -12.77 6.96
CA PRO A 440 16.04 -11.88 7.68
C PRO A 440 15.14 -12.67 8.60
N GLN A 441 14.97 -12.18 9.83
CA GLN A 441 14.32 -12.97 10.88
C GLN A 441 12.85 -12.55 10.98
N LEU A 442 12.03 -13.08 10.08
CA LEU A 442 10.66 -12.62 9.91
C LEU A 442 9.74 -13.79 9.60
N THR A 443 8.48 -13.66 10.05
CA THR A 443 7.52 -14.76 9.90
C THR A 443 7.22 -15.10 8.44
N PRO A 444 6.92 -14.14 7.54
CA PRO A 444 6.67 -14.51 6.14
C PRO A 444 7.86 -15.17 5.44
N VAL A 445 9.08 -14.78 5.81
CA VAL A 445 10.27 -15.44 5.27
C VAL A 445 10.31 -16.91 5.70
N ALA A 446 10.07 -17.17 6.97
CA ALA A 446 10.09 -18.54 7.50
C ALA A 446 9.00 -19.40 6.85
N ILE A 447 7.81 -18.83 6.65
CA ILE A 447 6.71 -19.55 6.02
C ILE A 447 7.05 -19.89 4.56
N GLN A 448 7.59 -18.91 3.82
CA GLN A 448 7.94 -19.16 2.42
C GLN A 448 9.07 -20.19 2.29
N ALA A 449 10.07 -20.11 3.16
CA ALA A 449 11.19 -21.05 3.11
C ALA A 449 10.71 -22.48 3.37
N GLY A 450 9.84 -22.66 4.37
CA GLY A 450 9.37 -23.99 4.71
C GLY A 450 8.43 -24.60 3.67
N ARG A 451 7.50 -23.80 3.14
CA ARG A 451 6.64 -24.29 2.06
C ARG A 451 7.46 -24.67 0.83
N TYR A 452 8.37 -23.78 0.41
CA TYR A 452 9.17 -24.06 -0.79
C TYR A 452 10.07 -25.28 -0.61
N LEU A 453 10.67 -25.45 0.56
CA LEU A 453 11.54 -26.60 0.82
C LEU A 453 10.76 -27.91 0.76
N ALA A 454 9.60 -27.97 1.41
CA ALA A 454 8.75 -29.16 1.36
C ALA A 454 8.39 -29.54 -0.06
N ARG A 455 8.14 -28.54 -0.92
CA ARG A 455 7.80 -28.86 -2.30
C ARG A 455 9.00 -29.42 -3.05
N ARG A 456 10.21 -28.94 -2.75
CA ARG A 456 11.38 -29.49 -3.42
C ARG A 456 11.66 -30.93 -2.94
N LEU A 457 11.54 -31.19 -1.63
CA LEU A 457 11.82 -32.51 -1.09
C LEU A 457 10.84 -33.56 -1.59
N PHE A 458 9.56 -33.22 -1.68
CA PHE A 458 8.53 -34.24 -1.83
C PHE A 458 7.67 -34.12 -3.08
N ALA A 459 7.88 -33.07 -3.91
CA ALA A 459 7.06 -32.91 -5.11
C ALA A 459 7.87 -32.49 -6.33
N GLY A 460 9.19 -32.62 -6.30
CA GLY A 460 10.00 -32.31 -7.48
C GLY A 460 10.13 -30.86 -7.85
N ALA A 461 9.68 -29.93 -7.00
CA ALA A 461 9.83 -28.51 -7.31
C ALA A 461 11.30 -28.14 -7.32
N THR A 462 11.61 -27.02 -7.98
CA THR A 462 12.97 -26.48 -7.96
C THR A 462 13.07 -25.06 -7.42
N GLU A 463 11.96 -24.37 -7.21
CA GLU A 463 12.02 -22.95 -6.88
C GLU A 463 12.69 -22.72 -5.54
N LEU A 464 13.64 -21.79 -5.51
CA LEU A 464 14.32 -21.39 -4.28
C LEU A 464 13.64 -20.18 -3.65
N THR A 465 13.84 -20.01 -2.34
CA THR A 465 13.39 -18.81 -1.64
C THR A 465 14.35 -17.65 -1.91
N ASP A 466 13.80 -16.49 -2.30
CA ASP A 466 14.59 -15.27 -2.55
C ASP A 466 14.58 -14.40 -1.30
N TYR A 467 15.75 -14.26 -0.65
CA TYR A 467 15.90 -13.53 0.60
C TYR A 467 16.32 -12.07 0.41
N SER A 468 16.36 -11.55 -0.82
CA SER A 468 16.85 -10.20 -1.08
C SER A 468 15.72 -9.17 -1.16
N ASN A 469 15.96 -8.00 -0.58
CA ASN A 469 15.05 -6.85 -0.66
C ASN A 469 13.70 -7.14 -0.01
N VAL A 470 13.72 -7.83 1.13
CA VAL A 470 12.48 -8.22 1.82
C VAL A 470 12.00 -7.03 2.66
N ALA A 471 10.77 -6.59 2.42
CA ALA A 471 10.31 -5.38 3.08
C ALA A 471 9.99 -5.65 4.56
N THR A 472 10.02 -4.57 5.36
CA THR A 472 9.83 -4.60 6.81
C THR A 472 8.90 -3.46 7.22
N THR A 473 8.24 -3.60 8.37
CA THR A 473 7.58 -2.46 9.01
C THR A 473 7.77 -2.52 10.52
N VAL A 474 8.14 -1.38 11.10
CA VAL A 474 8.27 -1.20 12.54
C VAL A 474 6.98 -0.53 13.03
N PHE A 475 6.24 -1.20 13.92
CA PHE A 475 4.91 -0.73 14.32
C PHE A 475 4.98 0.14 15.59
N THR A 476 5.85 1.16 15.54
CA THR A 476 5.90 2.24 16.53
C THR A 476 4.65 3.13 16.42
N PRO A 477 4.41 4.06 17.39
CA PRO A 477 3.19 4.88 17.34
C PRO A 477 2.99 5.60 16.00
N LEU A 478 4.05 6.14 15.42
CA LEU A 478 4.08 6.45 13.99
C LEU A 478 4.92 5.37 13.29
N GLU A 479 4.31 4.64 12.34
CA GLU A 479 4.92 3.42 11.80
C GLU A 479 6.01 3.75 10.77
N TYR A 480 7.00 2.85 10.67
CA TYR A 480 8.13 3.03 9.75
C TYR A 480 8.22 1.80 8.84
N GLY A 481 7.98 2.01 7.55
CA GLY A 481 8.07 0.95 6.55
C GLY A 481 9.30 1.18 5.68
N ALA A 482 9.92 0.07 5.24
CA ALA A 482 11.13 0.18 4.43
C ALA A 482 11.30 -1.05 3.52
N CYS A 483 11.99 -0.86 2.39
CA CYS A 483 12.30 -1.97 1.50
C CYS A 483 13.60 -1.68 0.75
N GLY A 484 14.63 -2.49 0.99
CA GLY A 484 15.91 -2.28 0.34
C GLY A 484 16.96 -1.64 1.22
N LEU A 485 17.90 -0.92 0.63
CA LEU A 485 19.06 -0.40 1.36
C LEU A 485 18.71 0.87 2.12
N SER A 486 19.29 1.00 3.31
CA SER A 486 19.36 2.31 3.96
C SER A 486 20.22 3.27 3.12
N GLU A 487 20.11 4.55 3.43
CA GLU A 487 20.85 5.54 2.65
C GLU A 487 22.35 5.44 2.91
N GLU A 488 22.76 5.27 4.18
CA GLU A 488 24.19 5.12 4.50
C GLU A 488 24.79 3.86 3.89
N ASP A 489 24.03 2.76 3.81
CA ASP A 489 24.55 1.55 3.16
C ASP A 489 24.72 1.73 1.67
N ALA A 490 23.77 2.41 1.02
CA ALA A 490 23.87 2.63 -0.41
C ALA A 490 25.11 3.45 -0.75
N ILE A 491 25.37 4.52 0.02
CA ILE A 491 26.53 5.38 -0.23
C ILE A 491 27.82 4.62 0.03
N GLU A 492 27.85 3.79 1.07
CA GLU A 492 29.05 3.00 1.35
C GLU A 492 29.38 2.05 0.22
N LYS A 493 28.36 1.47 -0.43
CA LYS A 493 28.59 0.47 -1.46
C LYS A 493 28.95 1.09 -2.81
N TYR A 494 28.34 2.23 -3.15
CA TYR A 494 28.51 2.80 -4.49
C TYR A 494 29.20 4.15 -4.50
N GLY A 495 29.33 4.82 -3.36
CA GLY A 495 29.93 6.14 -3.28
C GLY A 495 28.91 7.25 -3.42
N ASP A 496 29.17 8.35 -2.71
CA ASP A 496 28.23 9.47 -2.63
C ASP A 496 27.88 10.06 -3.99
N LYS A 497 28.85 10.16 -4.91
CA LYS A 497 28.55 10.79 -6.18
C LYS A 497 27.60 9.98 -7.05
N ASP A 498 27.51 8.67 -6.83
CA ASP A 498 26.61 7.81 -7.61
C ASP A 498 25.21 7.66 -6.98
N ILE A 499 24.91 8.38 -5.89
CA ILE A 499 23.65 8.21 -5.17
C ILE A 499 22.86 9.52 -5.18
N GLU A 500 21.60 9.43 -5.61
CA GLU A 500 20.66 10.56 -5.54
C GLU A 500 19.50 10.18 -4.64
N VAL A 501 19.08 11.09 -3.78
CA VAL A 501 17.99 10.83 -2.84
C VAL A 501 16.89 11.85 -3.09
N TYR A 502 15.67 11.36 -3.37
CA TYR A 502 14.49 12.20 -3.49
C TYR A 502 13.67 12.06 -2.23
N HIS A 503 13.21 13.18 -1.66
CA HIS A 503 12.45 13.08 -0.41
C HIS A 503 11.37 14.16 -0.34
N SER A 504 10.42 13.96 0.58
CA SER A 504 9.38 14.95 0.86
C SER A 504 8.70 14.65 2.18
N ASN A 505 8.30 15.71 2.90
CA ASN A 505 7.35 15.54 3.99
C ASN A 505 5.94 15.42 3.42
N PHE A 506 5.01 15.00 4.27
CA PHE A 506 3.59 15.03 3.90
C PHE A 506 2.73 15.05 5.15
N LYS A 507 1.46 15.39 4.95
CA LYS A 507 0.47 15.39 6.00
C LYS A 507 -0.72 14.57 5.53
N PRO A 508 -1.09 13.50 6.24
CA PRO A 508 -2.34 12.79 5.91
C PRO A 508 -3.53 13.75 5.94
N LEU A 509 -4.42 13.61 4.96
CA LEU A 509 -5.63 14.43 4.96
C LEU A 509 -6.42 14.26 6.26
N GLU A 510 -6.43 13.04 6.82
CA GLU A 510 -7.09 12.75 8.08
C GLU A 510 -6.54 13.55 9.26
N TRP A 511 -5.31 14.06 9.16
CA TRP A 511 -4.70 14.83 10.24
C TRP A 511 -5.08 16.30 10.20
N THR A 512 -5.72 16.78 9.11
CA THR A 512 -5.97 18.21 8.95
C THR A 512 -7.05 18.69 9.92
N VAL A 513 -8.25 18.11 9.82
CA VAL A 513 -9.34 18.54 10.68
C VAL A 513 -9.04 18.15 12.14
N ALA A 514 -8.23 17.09 12.34
CA ALA A 514 -7.81 16.67 13.68
C ALA A 514 -6.72 17.54 14.28
N HIS A 515 -6.18 18.52 13.53
CA HIS A 515 -5.15 19.45 14.03
C HIS A 515 -3.88 18.74 14.50
N ARG A 516 -3.43 17.72 13.74
CA ARG A 516 -2.16 17.06 14.01
C ARG A 516 -1.03 17.71 13.20
N GLU A 517 0.19 17.19 13.31
CA GLU A 517 1.39 17.92 12.91
C GLU A 517 1.58 18.00 11.39
N ASP A 518 2.16 19.13 10.95
CA ASP A 518 2.27 19.48 9.53
C ASP A 518 3.42 18.75 8.83
N ASN A 519 4.56 18.58 9.48
CA ASN A 519 5.75 18.16 8.76
C ASN A 519 6.48 17.04 9.50
N VAL A 520 5.75 16.09 10.07
CA VAL A 520 6.38 14.96 10.77
C VAL A 520 6.48 13.74 9.85
N CYS A 521 5.44 13.44 9.08
CA CYS A 521 5.54 12.29 8.19
C CYS A 521 6.55 12.59 7.07
N TYR A 522 7.20 11.54 6.58
CA TYR A 522 8.38 11.69 5.73
C TYR A 522 8.58 10.44 4.87
N MET A 523 9.12 10.64 3.67
CA MET A 523 9.40 9.55 2.76
C MET A 523 10.57 9.91 1.83
N LYS A 524 11.36 8.90 1.44
CA LYS A 524 12.48 9.11 0.53
C LYS A 524 12.69 7.88 -0.35
N LEU A 525 13.26 8.12 -1.55
CA LEU A 525 13.74 7.06 -2.45
C LEU A 525 15.25 7.26 -2.64
N VAL A 526 16.02 6.20 -2.40
CA VAL A 526 17.48 6.19 -2.52
C VAL A 526 17.84 5.49 -3.82
N CYS A 527 18.45 6.23 -4.77
CA CYS A 527 18.59 5.76 -6.16
C CYS A 527 20.06 5.80 -6.62
N ARG A 528 20.37 4.96 -7.62
CA ARG A 528 21.71 4.86 -8.20
C ARG A 528 21.76 5.54 -9.56
N LYS A 529 22.51 6.64 -9.66
CA LYS A 529 22.59 7.41 -10.90
C LYS A 529 23.05 6.56 -12.08
N SER A 530 24.13 5.79 -11.90
CA SER A 530 24.73 5.10 -13.06
C SER A 530 23.95 3.86 -13.50
N ASP A 531 22.83 3.51 -12.85
CA ASP A 531 22.02 2.39 -13.29
C ASP A 531 20.60 2.86 -13.56
N ASN A 532 20.46 3.87 -14.43
CA ASN A 532 19.16 4.40 -14.85
C ASN A 532 18.30 4.84 -13.65
N MET A 533 18.95 5.33 -12.61
CA MET A 533 18.25 5.82 -11.41
C MET A 533 17.43 4.70 -10.77
N ARG A 534 18.05 3.52 -10.65
CA ARG A 534 17.44 2.37 -10.02
C ARG A 534 17.11 2.67 -8.56
N VAL A 535 15.91 2.29 -8.12
CA VAL A 535 15.54 2.47 -6.73
C VAL A 535 16.25 1.40 -5.90
N LEU A 536 17.23 1.82 -5.09
CA LEU A 536 17.95 0.94 -4.19
C LEU A 536 17.22 0.75 -2.86
N GLY A 537 16.54 1.78 -2.36
CA GLY A 537 15.80 1.68 -1.12
C GLY A 537 14.66 2.66 -1.08
N LEU A 538 13.59 2.26 -0.38
CA LEU A 538 12.37 3.06 -0.19
C LEU A 538 12.07 3.11 1.32
N HIS A 539 11.75 4.31 1.83
CA HIS A 539 11.49 4.50 3.26
C HIS A 539 10.29 5.43 3.46
N VAL A 540 9.40 5.09 4.40
CA VAL A 540 8.24 5.93 4.69
C VAL A 540 7.93 5.87 6.20
N LEU A 541 7.75 7.04 6.80
CA LEU A 541 7.29 7.23 8.17
C LEU A 541 5.89 7.86 8.11
N GLY A 542 4.88 7.17 8.67
CA GLY A 542 3.52 7.67 8.65
C GLY A 542 2.49 6.58 8.97
N PRO A 543 1.21 6.92 8.96
CA PRO A 543 0.19 5.92 9.26
C PRO A 543 0.09 4.86 8.17
N ASN A 544 -0.28 3.64 8.59
CA ASN A 544 -0.49 2.47 7.70
C ASN A 544 0.72 2.19 6.82
N ALA A 545 1.93 2.39 7.38
CA ALA A 545 3.18 2.23 6.61
C ALA A 545 3.36 0.83 6.05
N GLY A 546 2.81 -0.20 6.72
CA GLY A 546 2.91 -1.54 6.18
C GLY A 546 2.04 -1.73 4.95
N GLU A 547 0.80 -1.23 4.99
CA GLU A 547 -0.03 -1.23 3.79
C GLU A 547 0.60 -0.38 2.68
N ILE A 548 1.15 0.79 3.02
CA ILE A 548 1.80 1.64 2.02
C ILE A 548 2.94 0.88 1.32
N THR A 549 3.81 0.24 2.11
CA THR A 549 5.08 -0.28 1.58
C THR A 549 4.92 -1.57 0.79
N GLN A 550 3.99 -2.45 1.18
CA GLN A 550 3.94 -3.80 0.60
C GLN A 550 3.96 -3.80 -0.94
N GLY A 551 3.04 -3.08 -1.57
CA GLY A 551 2.93 -3.12 -3.02
C GLY A 551 4.21 -2.74 -3.75
N TYR A 552 4.91 -1.71 -3.25
CA TYR A 552 6.16 -1.27 -3.86
C TYR A 552 7.24 -2.36 -3.83
N ALA A 553 7.14 -3.32 -2.91
CA ALA A 553 8.16 -4.37 -2.80
C ALA A 553 8.15 -5.27 -4.02
N VAL A 554 6.98 -5.47 -4.65
CA VAL A 554 6.90 -6.16 -5.94
C VAL A 554 7.63 -5.38 -7.02
N ALA A 555 7.47 -4.06 -7.05
CA ALA A 555 8.12 -3.25 -8.08
C ALA A 555 9.64 -3.24 -7.90
N ILE A 556 10.11 -3.09 -6.66
CA ILE A 556 11.56 -3.14 -6.41
C ILE A 556 12.13 -4.51 -6.77
N LYS A 557 11.38 -5.58 -6.48
CA LYS A 557 11.80 -6.92 -6.87
C LYS A 557 11.99 -7.01 -8.39
N MET A 558 11.18 -6.29 -9.15
CA MET A 558 11.28 -6.28 -10.61
C MET A 558 12.31 -5.31 -11.16
N GLY A 559 13.02 -4.54 -10.32
CA GLY A 559 14.02 -3.59 -10.81
C GLY A 559 13.53 -2.18 -11.09
N ALA A 560 12.56 -1.67 -10.31
CA ALA A 560 11.95 -0.38 -10.60
C ALA A 560 12.99 0.75 -10.57
N THR A 561 12.82 1.72 -11.46
CA THR A 561 13.64 2.93 -11.46
C THR A 561 12.78 4.12 -11.10
N LYS A 562 13.44 5.26 -10.86
CA LYS A 562 12.70 6.49 -10.59
C LYS A 562 11.75 6.83 -11.72
N ALA A 563 12.13 6.52 -12.97
CA ALA A 563 11.23 6.74 -14.11
C ALA A 563 9.93 5.95 -13.96
N ASP A 564 10.02 4.70 -13.48
CA ASP A 564 8.81 3.89 -13.30
C ASP A 564 7.88 4.49 -12.27
N PHE A 565 8.44 5.11 -11.22
CA PHE A 565 7.60 5.79 -10.23
C PHE A 565 6.95 7.04 -10.82
N ASP A 566 7.69 7.78 -11.67
CA ASP A 566 7.14 9.03 -12.21
C ASP A 566 5.97 8.76 -13.16
N ARG A 567 6.10 7.72 -13.99
CA ARG A 567 5.11 7.48 -15.02
C ARG A 567 3.84 6.81 -14.48
N THR A 568 3.90 6.24 -13.28
CA THR A 568 2.71 5.70 -12.62
C THR A 568 1.94 6.85 -11.96
N ILE A 569 0.58 6.84 -12.11
CA ILE A 569 -0.27 7.91 -11.60
C ILE A 569 -0.70 7.60 -10.16
N GLY A 570 -0.87 8.65 -9.35
CA GLY A 570 -1.28 8.42 -7.97
C GLY A 570 -2.78 8.21 -7.80
N ILE A 571 -3.14 7.59 -6.67
CA ILE A 571 -4.51 7.50 -6.18
C ILE A 571 -4.73 8.60 -5.15
N HIS A 572 -5.79 9.39 -5.34
CA HIS A 572 -6.03 10.58 -4.52
C HIS A 572 -7.37 10.50 -3.82
N PRO A 573 -7.46 10.87 -2.55
CA PRO A 573 -6.39 11.31 -1.64
C PRO A 573 -5.83 10.13 -0.84
N THR A 574 -4.54 9.82 -0.99
CA THR A 574 -3.85 8.85 -0.16
C THR A 574 -2.53 9.45 0.33
N CYS A 575 -1.97 8.82 1.37
CA CYS A 575 -0.57 9.08 1.73
C CYS A 575 0.38 8.48 0.70
N SER A 576 0.10 7.26 0.25
CA SER A 576 1.02 6.55 -0.63
C SER A 576 1.27 7.27 -1.96
N GLU A 577 0.33 8.08 -2.43
CA GLU A 577 0.51 8.74 -3.74
C GLU A 577 1.70 9.69 -3.77
N THR A 578 2.16 10.19 -2.62
CA THR A 578 3.32 11.09 -2.60
C THR A 578 4.56 10.45 -3.21
N PHE A 579 4.64 9.11 -3.24
CA PHE A 579 5.76 8.44 -3.90
C PHE A 579 5.77 8.62 -5.42
N THR A 580 4.63 8.96 -6.05
CA THR A 580 4.59 9.07 -7.51
C THR A 580 4.97 10.45 -8.03
N THR A 581 5.18 11.46 -7.16
CA THR A 581 5.50 12.81 -7.63
C THR A 581 6.73 13.41 -6.94
N LEU A 582 7.63 12.58 -6.41
CA LEU A 582 8.81 13.07 -5.70
C LEU A 582 9.75 13.80 -6.67
N HIS A 583 10.34 14.90 -6.20
CA HIS A 583 11.22 15.70 -7.05
C HIS A 583 12.36 16.43 -6.32
N VAL A 584 12.18 16.78 -5.05
CA VAL A 584 13.24 17.50 -4.34
C VAL A 584 14.38 16.53 -4.02
N THR A 585 15.60 16.85 -4.49
CA THR A 585 16.78 16.01 -4.18
C THR A 585 17.50 16.56 -2.96
N LYS A 586 18.17 15.66 -2.22
CA LYS A 586 18.96 16.11 -1.08
C LYS A 586 20.14 16.97 -1.52
N LYS A 587 20.75 16.67 -2.68
CA LYS A 587 21.89 17.46 -3.12
C LYS A 587 21.51 18.90 -3.44
N SER A 588 20.29 19.13 -3.93
CA SER A 588 19.85 20.49 -4.25
C SER A 588 19.80 21.38 -3.02
N GLY A 589 19.69 20.80 -1.83
CA GLY A 589 19.51 21.58 -0.62
C GLY A 589 18.15 22.20 -0.44
N VAL A 590 17.22 22.02 -1.39
CA VAL A 590 15.88 22.57 -1.26
C VAL A 590 15.13 21.88 -0.12
N SER A 591 14.36 22.65 0.64
CA SER A 591 13.68 22.07 1.80
C SER A 591 12.58 21.08 1.40
N PRO A 592 12.45 19.96 2.12
CA PRO A 592 11.40 18.98 1.80
C PRO A 592 10.03 19.24 2.41
N ILE A 593 9.82 20.37 3.11
CA ILE A 593 8.53 20.64 3.73
C ILE A 593 7.46 20.85 2.66
N VAL A 594 6.19 20.84 3.08
CA VAL A 594 5.09 21.04 2.14
C VAL A 594 4.70 22.52 2.06
N GLY B 7 13.76 13.77 -36.44
CA GLY B 7 14.89 14.66 -36.45
C GLY B 7 15.13 15.34 -35.12
N THR B 8 16.41 15.34 -34.70
CA THR B 8 16.85 16.29 -33.68
C THR B 8 16.50 17.71 -34.10
N SER B 9 16.61 18.00 -35.40
CA SER B 9 16.39 19.35 -35.90
C SER B 9 14.94 19.79 -35.72
N GLN B 10 13.98 18.89 -35.92
CA GLN B 10 12.60 19.33 -35.78
C GLN B 10 12.14 19.37 -34.33
N TRP B 11 12.77 18.62 -33.42
CA TRP B 11 12.53 18.89 -32.01
C TRP B 11 13.06 20.26 -31.62
N LEU B 12 14.28 20.60 -32.06
CA LEU B 12 14.86 21.90 -31.71
C LEU B 12 14.03 23.05 -32.26
N ARG B 13 13.50 22.89 -33.47
CA ARG B 13 12.68 23.95 -34.05
C ARG B 13 11.41 24.17 -33.24
N LYS B 14 10.75 23.09 -32.80
CA LYS B 14 9.53 23.25 -32.01
C LYS B 14 9.85 23.85 -30.64
N THR B 15 10.97 23.46 -30.04
CA THR B 15 11.33 23.99 -28.73
C THR B 15 11.63 25.48 -28.81
N VAL B 16 12.39 25.90 -29.83
CA VAL B 16 12.74 27.32 -29.94
C VAL B 16 11.51 28.16 -30.23
N ASP B 17 10.61 27.68 -31.11
CA ASP B 17 9.43 28.48 -31.47
C ASP B 17 8.51 28.70 -30.28
N SER B 18 8.36 27.69 -29.42
CA SER B 18 7.32 27.70 -28.40
C SER B 18 7.79 28.28 -27.07
N ALA B 19 9.07 28.17 -26.74
CA ALA B 19 9.55 28.63 -25.43
C ALA B 19 9.47 30.14 -25.30
N ALA B 20 9.22 30.59 -24.06
CA ALA B 20 9.23 32.03 -23.80
C ALA B 20 10.66 32.56 -23.64
N VAL B 21 11.44 31.96 -22.74
CA VAL B 21 12.86 32.30 -22.56
C VAL B 21 13.63 30.99 -22.34
N ILE B 22 14.64 30.72 -23.17
CA ILE B 22 15.36 29.46 -23.04
C ILE B 22 16.85 29.69 -23.29
N LEU B 23 17.69 29.12 -22.41
CA LEU B 23 19.14 29.21 -22.49
C LEU B 23 19.67 27.81 -22.82
N PHE B 24 20.44 27.71 -23.89
CA PHE B 24 21.22 26.51 -24.18
C PHE B 24 22.60 26.67 -23.57
N SER B 25 23.01 25.71 -22.75
CA SER B 25 24.13 25.89 -21.82
C SER B 25 24.96 24.61 -21.71
N LYS B 26 26.07 24.73 -20.98
CA LYS B 26 26.85 23.58 -20.51
C LYS B 26 27.25 23.83 -19.06
N THR B 27 27.25 22.75 -18.26
CA THR B 27 27.47 22.88 -16.82
C THR B 27 28.90 23.26 -16.48
N THR B 28 29.85 22.98 -17.35
CA THR B 28 31.27 23.21 -17.10
C THR B 28 31.76 24.58 -17.60
N CYS B 29 30.94 25.29 -18.36
CA CYS B 29 31.35 26.53 -19.01
C CYS B 29 31.15 27.73 -18.11
N PRO B 30 32.20 28.45 -17.72
CA PRO B 30 32.04 29.67 -16.91
C PRO B 30 31.36 30.85 -17.62
N TYR B 31 31.21 30.78 -18.95
CA TYR B 31 30.45 31.82 -19.64
C TYR B 31 28.95 31.62 -19.46
N CYS B 32 28.48 30.38 -19.58
CA CYS B 32 27.09 30.08 -19.23
C CYS B 32 26.82 30.44 -17.77
N LYS B 33 27.81 30.30 -16.90
CA LYS B 33 27.62 30.64 -15.49
C LYS B 33 27.34 32.13 -15.31
N LYS B 34 28.13 32.99 -15.97
CA LYS B 34 27.90 34.42 -15.81
C LYS B 34 26.57 34.85 -16.42
N VAL B 35 26.11 34.17 -17.47
CA VAL B 35 24.82 34.52 -18.04
C VAL B 35 23.69 34.15 -17.08
N LYS B 36 23.78 32.97 -16.46
CA LYS B 36 22.76 32.57 -15.50
C LYS B 36 22.65 33.56 -14.35
N ASP B 37 23.80 34.00 -13.81
CA ASP B 37 23.79 34.93 -12.68
C ASP B 37 23.13 36.26 -13.07
N VAL B 38 23.44 36.76 -14.28
CA VAL B 38 22.83 38.01 -14.73
C VAL B 38 21.31 37.88 -14.80
N LEU B 39 20.82 36.79 -15.37
CA LEU B 39 19.37 36.58 -15.47
C LEU B 39 18.76 36.44 -14.09
N ALA B 40 19.47 35.79 -13.17
CA ALA B 40 18.99 35.67 -11.80
C ALA B 40 18.91 37.04 -11.11
N GLU B 41 19.93 37.88 -11.29
CA GLU B 41 19.90 39.21 -10.67
C GLU B 41 18.79 40.07 -11.26
N ALA B 42 18.56 39.97 -12.57
CA ALA B 42 17.49 40.70 -13.23
C ALA B 42 16.12 40.10 -12.96
N LYS B 43 16.06 39.00 -12.18
CA LYS B 43 14.81 38.29 -11.87
C LYS B 43 14.09 37.84 -13.14
N ILE B 44 14.86 37.40 -14.14
CA ILE B 44 14.33 36.87 -15.39
C ILE B 44 14.33 35.35 -15.30
N LYS B 45 13.13 34.76 -15.29
CA LYS B 45 12.99 33.31 -15.24
C LYS B 45 13.10 32.73 -16.64
N HIS B 46 13.61 31.50 -16.73
CA HIS B 46 13.88 30.88 -18.03
C HIS B 46 14.05 29.38 -17.90
N ALA B 47 13.87 28.69 -19.02
CA ALA B 47 14.26 27.29 -19.16
C ALA B 47 15.74 27.17 -19.54
N THR B 48 16.35 26.06 -19.14
CA THR B 48 17.74 25.77 -19.44
C THR B 48 17.86 24.35 -19.98
N ILE B 49 18.65 24.20 -21.05
CA ILE B 49 18.93 22.90 -21.65
C ILE B 49 20.45 22.71 -21.56
N GLU B 50 20.89 21.79 -20.70
CA GLU B 50 22.32 21.58 -20.45
C GLU B 50 22.83 20.52 -21.41
N LEU B 51 23.56 20.96 -22.45
CA LEU B 51 23.87 20.08 -23.58
C LEU B 51 24.85 18.98 -23.20
N ASP B 52 25.74 19.23 -22.24
CA ASP B 52 26.70 18.19 -21.86
C ASP B 52 26.05 17.02 -21.13
N GLN B 53 24.74 17.08 -20.85
CA GLN B 53 24.03 15.99 -20.19
C GLN B 53 23.05 15.28 -21.10
N LEU B 54 23.13 15.50 -22.41
CA LEU B 54 22.27 14.83 -23.37
C LEU B 54 23.12 14.03 -24.34
N SER B 55 22.66 12.82 -24.67
CA SER B 55 23.45 11.92 -25.49
C SER B 55 23.60 12.40 -26.94
N ASN B 56 22.90 13.46 -27.35
CA ASN B 56 23.14 14.04 -28.67
C ASN B 56 23.17 15.56 -28.58
N GLY B 57 23.80 16.08 -27.52
CA GLY B 57 24.07 17.51 -27.47
C GLY B 57 24.97 18.00 -28.60
N SER B 58 25.79 17.09 -29.16
CA SER B 58 26.63 17.43 -30.32
C SER B 58 25.78 17.88 -31.49
N ALA B 59 24.81 17.05 -31.89
CA ALA B 59 23.96 17.38 -33.02
C ALA B 59 23.11 18.61 -32.75
N ILE B 60 22.72 18.83 -31.48
CA ILE B 60 21.90 19.99 -31.14
C ILE B 60 22.71 21.27 -31.33
N GLN B 61 23.96 21.29 -30.88
CA GLN B 61 24.84 22.43 -31.09
C GLN B 61 24.89 22.79 -32.57
N LYS B 62 25.04 21.79 -33.43
CA LYS B 62 25.06 22.04 -34.87
C LYS B 62 23.75 22.63 -35.35
N CYS B 63 22.62 22.12 -34.86
CA CYS B 63 21.33 22.62 -35.33
C CYS B 63 21.02 24.02 -34.83
N LEU B 64 21.61 24.44 -33.70
CA LEU B 64 21.41 25.81 -33.24
C LEU B 64 21.95 26.83 -34.24
N ALA B 65 22.99 26.45 -35.01
CA ALA B 65 23.53 27.34 -36.02
C ALA B 65 22.46 27.78 -37.02
N SER B 66 21.43 26.96 -37.24
CA SER B 66 20.36 27.31 -38.18
C SER B 66 19.57 28.53 -37.75
N PHE B 67 19.55 28.82 -36.44
CA PHE B 67 18.85 30.00 -35.93
C PHE B 67 19.81 31.16 -35.62
N SER B 68 21.02 30.86 -35.17
CA SER B 68 21.92 31.88 -34.64
C SER B 68 23.20 32.04 -35.45
N LYS B 69 23.46 31.16 -36.42
CA LYS B 69 24.70 31.15 -37.20
C LYS B 69 25.94 30.96 -36.33
N ILE B 70 25.79 30.49 -35.09
CA ILE B 70 26.93 30.14 -34.25
C ILE B 70 26.70 28.77 -33.64
N GLU B 71 27.78 28.06 -33.34
CA GLU B 71 27.72 26.70 -32.83
C GLU B 71 28.26 26.56 -31.41
N THR B 72 28.49 27.67 -30.71
CA THR B 72 29.03 27.65 -29.36
C THR B 72 27.91 27.80 -28.33
N VAL B 73 28.32 27.82 -27.07
CA VAL B 73 27.40 27.87 -25.94
C VAL B 73 27.96 28.92 -24.97
N PRO B 74 27.14 29.78 -24.33
CA PRO B 74 25.67 29.84 -24.27
C PRO B 74 24.96 30.50 -25.45
N GLN B 75 23.69 30.16 -25.67
CA GLN B 75 22.84 30.86 -26.63
C GLN B 75 21.48 31.09 -25.99
N MET B 76 21.04 32.34 -25.96
CA MET B 76 19.77 32.74 -25.39
C MET B 76 18.75 33.03 -26.48
N PHE B 77 17.51 32.52 -26.30
CA PHE B 77 16.40 32.78 -27.20
C PHE B 77 15.22 33.32 -26.40
N VAL B 78 14.40 34.15 -27.06
CA VAL B 78 13.19 34.71 -26.46
C VAL B 78 12.09 34.60 -27.51
N ARG B 79 11.08 33.78 -27.25
CA ARG B 79 9.89 33.69 -28.09
C ARG B 79 10.25 33.46 -29.56
N GLY B 80 11.22 32.57 -29.78
CA GLY B 80 11.59 32.14 -31.11
C GLY B 80 12.69 32.94 -31.77
N LYS B 81 13.20 33.98 -31.12
CA LYS B 81 14.22 34.86 -31.66
C LYS B 81 15.53 34.66 -30.90
N PHE B 82 16.63 34.48 -31.64
CA PHE B 82 17.95 34.42 -31.01
C PHE B 82 18.36 35.79 -30.49
N ILE B 83 18.80 35.85 -29.23
CA ILE B 83 19.09 37.11 -28.55
C ILE B 83 20.59 37.37 -28.48
N GLY B 84 21.42 36.37 -28.20
CA GLY B 84 22.85 36.57 -28.28
C GLY B 84 23.64 35.60 -27.42
N ASP B 85 24.96 35.70 -27.56
CA ASP B 85 25.89 34.91 -26.76
C ASP B 85 26.21 35.66 -25.47
N SER B 86 27.30 35.29 -24.81
CA SER B 86 27.64 35.89 -23.52
C SER B 86 27.89 37.39 -23.64
N GLN B 87 28.77 37.80 -24.57
CA GLN B 87 29.09 39.23 -24.72
C GLN B 87 27.84 40.05 -25.05
N THR B 88 26.93 39.51 -25.88
CA THR B 88 25.77 40.30 -26.29
C THR B 88 24.75 40.46 -25.17
N VAL B 89 24.47 39.38 -24.43
CA VAL B 89 23.55 39.46 -23.29
C VAL B 89 24.06 40.45 -22.26
N LEU B 90 25.36 40.43 -21.98
CA LEU B 90 25.90 41.37 -20.99
C LEU B 90 25.80 42.81 -21.49
N LYS B 91 26.02 43.04 -22.78
CA LYS B 91 25.83 44.37 -23.36
C LYS B 91 24.41 44.89 -23.14
N TYR B 92 23.41 44.03 -23.35
CA TYR B 92 22.03 44.45 -23.13
C TYR B 92 21.76 44.78 -21.66
N TYR B 93 22.28 43.95 -20.74
CA TYR B 93 22.10 44.17 -19.32
C TYR B 93 22.69 45.52 -18.89
N SER B 94 23.97 45.72 -19.14
CA SER B 94 24.61 46.94 -18.68
C SER B 94 24.11 48.19 -19.40
N ASN B 95 23.34 48.04 -20.48
CA ASN B 95 22.71 49.15 -21.17
C ASN B 95 21.22 49.30 -20.80
N ASP B 96 20.73 48.57 -19.80
CA ASP B 96 19.31 48.58 -19.39
C ASP B 96 18.38 48.35 -20.59
N GLU B 97 18.75 47.43 -21.48
CA GLU B 97 17.89 47.04 -22.58
C GLU B 97 17.33 45.63 -22.44
N LEU B 98 17.81 44.87 -21.45
CA LEU B 98 17.46 43.45 -21.36
C LEU B 98 16.01 43.23 -20.95
N ALA B 99 15.52 43.98 -19.96
CA ALA B 99 14.14 43.79 -19.49
C ALA B 99 13.13 44.03 -20.60
N GLY B 100 13.35 45.06 -21.42
CA GLY B 100 12.47 45.30 -22.55
C GLY B 100 12.56 44.21 -23.61
N ILE B 101 13.74 43.62 -23.77
CA ILE B 101 13.93 42.60 -24.80
C ILE B 101 13.22 41.30 -24.41
N VAL B 102 13.31 40.91 -23.13
CA VAL B 102 12.68 39.66 -22.70
C VAL B 102 11.17 39.78 -22.53
N ASN B 103 10.64 41.00 -22.42
CA ASN B 103 9.20 41.20 -22.28
C ASN B 103 8.50 41.53 -23.60
N GLU B 104 9.23 41.58 -24.71
CA GLU B 104 8.61 41.91 -25.99
C GLU B 104 7.87 40.68 -26.54
N SER B 105 6.60 40.86 -26.87
CA SER B 105 5.77 39.75 -27.29
C SER B 105 4.61 40.26 -28.13
N LYS B 106 4.11 39.37 -29.01
CA LYS B 106 2.96 39.67 -29.85
C LYS B 106 1.65 39.64 -29.07
N TYR B 107 1.61 38.92 -27.95
CA TYR B 107 0.38 38.72 -27.20
C TYR B 107 0.53 39.28 -25.80
N ASP B 108 -0.61 39.47 -25.12
CA ASP B 108 -0.56 39.86 -23.71
C ASP B 108 0.14 38.79 -22.87
N TYR B 109 -0.13 37.51 -23.14
CA TYR B 109 0.39 36.42 -22.33
C TYR B 109 1.00 35.33 -23.20
N ASP B 110 2.00 34.62 -22.67
CA ASP B 110 2.46 33.40 -23.33
C ASP B 110 1.45 32.27 -23.16
N LEU B 111 0.69 32.26 -22.06
CA LEU B 111 -0.28 31.20 -21.78
C LEU B 111 -1.48 31.78 -21.05
N ILE B 112 -2.69 31.47 -21.53
CA ILE B 112 -3.91 31.70 -20.78
C ILE B 112 -4.53 30.36 -20.45
N VAL B 113 -4.76 30.10 -19.16
CA VAL B 113 -5.49 28.91 -18.70
C VAL B 113 -6.92 29.32 -18.36
N ILE B 114 -7.89 28.66 -18.99
CA ILE B 114 -9.30 28.85 -18.64
C ILE B 114 -9.71 27.72 -17.71
N GLY B 115 -9.87 28.03 -16.42
CA GLY B 115 -10.27 27.06 -15.42
C GLY B 115 -9.23 26.92 -14.33
N GLY B 116 -9.61 27.24 -13.10
CA GLY B 116 -8.64 27.21 -12.00
C GLY B 116 -8.81 26.02 -11.07
N GLY B 117 -8.81 24.80 -11.63
CA GLY B 117 -8.90 23.58 -10.84
C GLY B 117 -7.64 22.75 -10.82
N SER B 118 -7.81 21.44 -10.63
CA SER B 118 -6.70 20.50 -10.48
C SER B 118 -5.71 20.62 -11.64
N GLY B 119 -6.20 20.48 -12.87
CA GLY B 119 -5.33 20.57 -14.04
C GLY B 119 -4.83 21.98 -14.33
N GLY B 120 -5.73 22.97 -14.25
CA GLY B 120 -5.38 24.30 -14.70
C GLY B 120 -4.36 24.98 -13.81
N LEU B 121 -4.51 24.85 -12.49
CA LEU B 121 -3.56 25.45 -11.57
C LEU B 121 -2.20 24.79 -11.69
N ALA B 122 -2.17 23.47 -11.89
CA ALA B 122 -0.91 22.77 -12.04
C ALA B 122 -0.21 23.16 -13.34
N ALA B 123 -0.96 23.29 -14.44
CA ALA B 123 -0.36 23.75 -15.69
C ALA B 123 0.18 25.17 -15.57
N GLY B 124 -0.59 26.07 -14.95
CA GLY B 124 -0.18 27.46 -14.89
C GLY B 124 1.07 27.68 -14.05
N LYS B 125 1.13 27.06 -12.86
CA LYS B 125 2.31 27.20 -12.01
C LYS B 125 3.55 26.61 -12.70
N GLU B 126 3.39 25.49 -13.39
CA GLU B 126 4.54 24.87 -14.04
C GLU B 126 5.07 25.75 -15.16
N ALA B 127 4.18 26.26 -16.03
CA ALA B 127 4.61 27.14 -17.11
C ALA B 127 5.38 28.36 -16.59
N ALA B 128 4.93 28.94 -15.47
CA ALA B 128 5.51 30.20 -15.03
C ALA B 128 6.96 30.02 -14.57
N LYS B 129 7.32 28.82 -14.13
CA LYS B 129 8.69 28.53 -13.70
C LYS B 129 9.69 28.67 -14.83
N TYR B 130 9.27 28.50 -16.08
CA TYR B 130 10.16 28.64 -17.22
C TYR B 130 10.03 30.00 -17.90
N GLY B 131 9.52 31.00 -17.19
CA GLY B 131 9.45 32.33 -17.74
C GLY B 131 8.29 32.58 -18.69
N ALA B 132 7.34 31.66 -18.80
CA ALA B 132 6.11 31.94 -19.53
C ALA B 132 5.24 32.90 -18.72
N LYS B 133 4.89 34.04 -19.31
CA LYS B 133 4.00 34.99 -18.68
C LYS B 133 2.56 34.47 -18.76
N THR B 134 1.94 34.22 -17.60
CA THR B 134 0.79 33.33 -17.50
C THR B 134 -0.39 34.01 -16.78
N ALA B 135 -1.59 33.80 -17.31
CA ALA B 135 -2.83 34.18 -16.66
C ALA B 135 -3.66 32.93 -16.41
N VAL B 136 -4.25 32.83 -15.21
CA VAL B 136 -5.17 31.76 -14.86
C VAL B 136 -6.52 32.38 -14.54
N LEU B 137 -7.56 31.93 -15.25
CA LEU B 137 -8.93 32.41 -15.11
C LEU B 137 -9.76 31.37 -14.37
N ASP B 138 -10.49 31.79 -13.33
CA ASP B 138 -11.44 30.90 -12.66
C ASP B 138 -12.70 31.63 -12.23
N TYR B 139 -13.85 31.02 -12.46
CA TYR B 139 -15.15 31.52 -12.04
C TYR B 139 -16.05 30.32 -11.71
N VAL B 140 -16.80 30.43 -10.62
CA VAL B 140 -17.67 29.35 -10.14
C VAL B 140 -19.10 29.82 -10.33
N GLU B 141 -19.76 29.32 -11.36
CA GLU B 141 -21.19 29.58 -11.53
C GLU B 141 -21.96 28.96 -10.38
N PRO B 142 -22.83 29.70 -9.69
CA PRO B 142 -23.51 29.14 -8.52
C PRO B 142 -24.50 28.04 -8.89
N THR B 143 -24.80 27.19 -7.90
CA THR B 143 -25.81 26.14 -8.03
C THR B 143 -27.21 26.76 -8.06
N PRO B 144 -28.24 25.97 -8.38
CA PRO B 144 -29.61 26.52 -8.36
C PRO B 144 -30.02 27.15 -7.04
N ILE B 145 -29.60 26.60 -5.89
CA ILE B 145 -29.88 27.27 -4.63
C ILE B 145 -28.85 28.35 -4.29
N GLY B 146 -27.88 28.61 -5.18
CA GLY B 146 -26.92 29.67 -4.96
C GLY B 146 -25.63 29.30 -4.24
N THR B 147 -25.30 28.02 -4.10
CA THR B 147 -24.03 27.64 -3.48
C THR B 147 -22.86 28.06 -4.35
N THR B 148 -21.81 28.60 -3.72
CA THR B 148 -20.61 28.99 -4.45
C THR B 148 -19.40 28.72 -3.55
N TRP B 149 -18.19 28.82 -4.11
CA TRP B 149 -16.96 28.52 -3.37
C TRP B 149 -15.75 29.15 -4.06
N GLY B 150 -14.57 28.91 -3.52
CA GLY B 150 -13.36 29.60 -3.91
C GLY B 150 -12.48 28.83 -4.88
N LEU B 151 -11.25 29.31 -5.03
CA LEU B 151 -10.32 28.82 -6.06
C LEU B 151 -9.80 27.42 -5.74
N GLY B 152 -9.63 26.60 -6.79
CA GLY B 152 -9.10 25.26 -6.61
C GLY B 152 -9.83 24.13 -7.33
N GLY B 153 -11.07 24.35 -7.75
CA GLY B 153 -11.76 23.40 -8.61
C GLY B 153 -12.64 22.43 -7.84
N THR B 154 -13.12 21.42 -8.58
CA THR B 154 -14.12 20.49 -8.07
C THR B 154 -13.59 19.66 -6.90
N CYS B 155 -12.40 19.06 -7.06
CA CYS B 155 -11.84 18.19 -6.03
C CYS B 155 -11.65 18.91 -4.69
N VAL B 156 -10.99 20.09 -4.72
CA VAL B 156 -10.64 20.84 -3.51
C VAL B 156 -11.89 21.27 -2.73
N ASN B 157 -12.92 21.77 -3.44
CA ASN B 157 -14.09 22.42 -2.86
C ASN B 157 -15.31 21.52 -2.69
N VAL B 158 -15.63 20.65 -3.66
CA VAL B 158 -16.87 19.89 -3.62
C VAL B 158 -16.67 18.47 -4.12
N GLY B 159 -15.51 17.89 -3.85
CA GLY B 159 -15.07 16.63 -4.43
C GLY B 159 -14.21 15.76 -3.50
N CYS B 160 -13.00 15.34 -3.98
CA CYS B 160 -12.19 14.37 -3.23
C CYS B 160 -11.93 14.79 -1.78
N ILE B 161 -11.64 16.08 -1.55
CA ILE B 161 -11.21 16.56 -0.24
C ILE B 161 -12.35 16.51 0.78
N PRO B 162 -13.48 17.22 0.59
CA PRO B 162 -14.54 17.12 1.61
C PRO B 162 -15.16 15.74 1.68
N LYS B 163 -15.25 15.01 0.56
CA LYS B 163 -15.83 13.65 0.57
C LYS B 163 -15.00 12.71 1.46
N LYS B 164 -13.67 12.73 1.32
CA LYS B 164 -12.87 11.81 2.12
C LYS B 164 -12.80 12.25 3.59
N LEU B 165 -12.87 13.54 3.88
CA LEU B 165 -12.93 13.97 5.27
C LEU B 165 -14.24 13.55 5.93
N MET B 166 -15.37 13.57 5.20
CA MET B 166 -16.60 13.07 5.81
C MET B 166 -16.63 11.55 5.85
N HIS B 167 -16.05 10.88 4.85
CA HIS B 167 -15.79 9.44 4.97
C HIS B 167 -15.02 9.13 6.27
N GLN B 168 -14.02 9.95 6.62
CA GLN B 168 -13.25 9.68 7.82
C GLN B 168 -14.11 9.87 9.08
N ALA B 169 -14.98 10.90 9.07
CA ALA B 169 -15.90 11.05 10.20
C ALA B 169 -16.76 9.81 10.37
N GLY B 170 -17.22 9.24 9.25
CA GLY B 170 -17.98 8.00 9.32
C GLY B 170 -17.15 6.83 9.84
N LEU B 171 -15.90 6.72 9.38
CA LEU B 171 -15.04 5.64 9.86
C LEU B 171 -14.83 5.72 11.38
N LEU B 172 -14.79 6.94 11.92
CA LEU B 172 -14.52 7.09 13.34
C LEU B 172 -15.65 6.53 14.20
N SER B 173 -16.84 6.35 13.61
CA SER B 173 -17.93 5.75 14.38
C SER B 173 -17.61 4.30 14.70
N HIS B 174 -17.12 3.53 13.72
CA HIS B 174 -16.71 2.16 13.98
C HIS B 174 -15.48 2.10 14.88
N ALA B 175 -14.64 3.12 14.84
CA ALA B 175 -13.51 3.18 15.76
C ALA B 175 -13.97 3.34 17.21
N LEU B 176 -15.02 4.14 17.45
CA LEU B 176 -15.60 4.25 18.78
C LEU B 176 -16.15 2.91 19.27
N GLU B 177 -16.88 2.19 18.41
CA GLU B 177 -17.38 0.86 18.79
C GLU B 177 -16.25 -0.13 19.02
N ASP B 178 -15.20 -0.08 18.18
CA ASP B 178 -14.06 -1.00 18.35
C ASP B 178 -13.34 -0.75 19.68
N ALA B 179 -13.27 0.52 20.11
CA ALA B 179 -12.44 0.88 21.24
C ALA B 179 -12.88 0.18 22.52
N GLU B 180 -14.19 -0.09 22.66
CA GLU B 180 -14.63 -0.82 23.85
C GLU B 180 -14.02 -2.22 23.90
N HIS B 181 -14.01 -2.92 22.77
CA HIS B 181 -13.45 -4.26 22.77
C HIS B 181 -11.95 -4.26 23.03
N PHE B 182 -11.26 -3.17 22.69
CA PHE B 182 -9.83 -3.10 22.98
C PHE B 182 -9.53 -2.55 24.37
N GLY B 183 -10.56 -2.34 25.20
CA GLY B 183 -10.37 -2.03 26.61
C GLY B 183 -10.65 -0.60 27.03
N TRP B 184 -11.09 0.29 26.14
CA TRP B 184 -11.40 1.66 26.53
C TRP B 184 -12.81 1.75 27.13
N SER B 185 -12.98 2.65 28.10
CA SER B 185 -14.15 2.67 28.98
C SER B 185 -15.35 3.42 28.43
N LEU B 186 -15.38 3.76 27.14
CA LEU B 186 -16.50 4.53 26.63
C LEU B 186 -17.68 3.62 26.27
N ASP B 187 -18.88 4.23 26.22
CA ASP B 187 -20.10 3.55 25.78
C ASP B 187 -20.58 4.22 24.49
N ARG B 188 -20.30 3.56 23.36
CA ARG B 188 -20.64 4.10 22.05
C ARG B 188 -22.12 4.49 21.93
N SER B 189 -23.01 3.79 22.64
CA SER B 189 -24.45 4.03 22.55
C SER B 189 -24.87 5.40 23.05
N LYS B 190 -24.07 6.04 23.90
CA LYS B 190 -24.44 7.34 24.43
C LYS B 190 -23.73 8.49 23.71
N ILE B 191 -23.20 8.24 22.52
CA ILE B 191 -22.45 9.26 21.75
C ILE B 191 -23.22 9.56 20.47
N SER B 192 -23.28 10.83 20.10
CA SER B 192 -24.00 11.29 18.92
C SER B 192 -23.10 12.20 18.08
N HIS B 193 -23.52 12.45 16.83
CA HIS B 193 -22.75 13.27 15.90
C HIS B 193 -23.43 14.62 15.64
N ASN B 194 -22.62 15.68 15.54
CA ASN B 194 -23.07 17.03 15.24
C ASN B 194 -22.60 17.39 13.82
N TRP B 195 -23.55 17.41 12.87
CA TRP B 195 -23.23 17.69 11.47
C TRP B 195 -22.57 19.06 11.29
N SER B 196 -23.16 20.10 11.89
CA SER B 196 -22.63 21.43 11.62
C SER B 196 -21.20 21.60 12.17
N THR B 197 -20.86 20.94 13.28
CA THR B 197 -19.48 21.03 13.77
C THR B 197 -18.50 20.43 12.77
N MET B 198 -18.85 19.29 12.18
CA MET B 198 -18.01 18.67 11.18
C MET B 198 -17.86 19.57 9.94
N VAL B 199 -18.98 20.11 9.45
CA VAL B 199 -18.92 20.98 8.28
C VAL B 199 -18.04 22.20 8.52
N GLU B 200 -18.07 22.76 9.73
CA GLU B 200 -17.20 23.91 10.02
C GLU B 200 -15.72 23.53 9.93
N GLY B 201 -15.34 22.37 10.48
CA GLY B 201 -13.96 21.96 10.40
C GLY B 201 -13.54 21.65 8.97
N VAL B 202 -14.43 20.99 8.21
CA VAL B 202 -14.15 20.69 6.80
C VAL B 202 -14.01 21.99 5.99
N GLN B 203 -14.92 22.94 6.20
CA GLN B 203 -14.89 24.16 5.41
C GLN B 203 -13.69 25.04 5.78
N SER B 204 -13.23 24.96 7.04
CA SER B 204 -12.04 25.69 7.43
C SER B 204 -10.78 25.16 6.73
N HIS B 205 -10.70 23.84 6.54
CA HIS B 205 -9.58 23.30 5.78
C HIS B 205 -9.65 23.72 4.32
N ILE B 206 -10.84 23.67 3.73
CA ILE B 206 -11.00 24.08 2.33
C ILE B 206 -10.59 25.55 2.15
N GLY B 207 -10.95 26.40 3.12
CA GLY B 207 -10.55 27.79 3.03
C GLY B 207 -9.04 27.98 3.04
N SER B 208 -8.33 27.13 3.79
CA SER B 208 -6.87 27.24 3.81
C SER B 208 -6.29 26.83 2.46
N LEU B 209 -6.95 25.91 1.75
CA LEU B 209 -6.49 25.54 0.41
C LEU B 209 -6.81 26.64 -0.61
N ASN B 210 -8.00 27.26 -0.51
CA ASN B 210 -8.33 28.42 -1.36
C ASN B 210 -7.25 29.48 -1.23
N TRP B 211 -6.90 29.84 0.01
CA TRP B 211 -5.90 30.87 0.25
C TRP B 211 -4.52 30.41 -0.21
N GLY B 212 -4.20 29.14 0.00
CA GLY B 212 -2.91 28.62 -0.44
C GLY B 212 -2.68 28.77 -1.94
N TYR B 213 -3.71 28.49 -2.75
CA TYR B 213 -3.57 28.59 -4.20
C TYR B 213 -3.44 30.03 -4.66
N LYS B 214 -4.13 30.97 -4.01
CA LYS B 214 -3.94 32.38 -4.34
C LYS B 214 -2.52 32.83 -4.00
N VAL B 215 -1.98 32.37 -2.87
CA VAL B 215 -0.61 32.69 -2.49
C VAL B 215 0.38 32.03 -3.47
N ALA B 216 0.12 30.79 -3.86
CA ALA B 216 0.97 30.13 -4.85
C ALA B 216 1.03 30.92 -6.16
N LEU B 217 -0.12 31.31 -6.70
CA LEU B 217 -0.11 32.02 -7.98
C LEU B 217 0.67 33.33 -7.86
N ARG B 218 0.45 34.10 -6.77
CA ARG B 218 1.16 35.37 -6.59
C ARG B 218 2.67 35.16 -6.49
N ASP B 219 3.12 34.11 -5.79
CA ASP B 219 4.54 33.85 -5.63
C ASP B 219 5.20 33.30 -6.90
N ASN B 220 4.44 32.84 -7.88
CA ASN B 220 4.98 32.43 -9.16
C ASN B 220 4.76 33.48 -10.25
N GLN B 221 4.35 34.70 -9.88
CA GLN B 221 4.12 35.79 -10.81
C GLN B 221 3.02 35.46 -11.82
N VAL B 222 2.01 34.70 -11.41
CA VAL B 222 0.89 34.31 -12.28
C VAL B 222 -0.27 35.27 -12.03
N THR B 223 -0.81 35.84 -13.10
CA THR B 223 -1.98 36.71 -12.96
C THR B 223 -3.24 35.87 -12.74
N TYR B 224 -3.95 36.12 -11.65
CA TYR B 224 -5.20 35.41 -11.35
C TYR B 224 -6.36 36.36 -11.57
N LEU B 225 -7.28 35.99 -12.45
CA LEU B 225 -8.52 36.73 -12.71
C LEU B 225 -9.72 35.87 -12.33
N ASN B 226 -10.44 36.28 -11.29
CA ASN B 226 -11.72 35.66 -10.92
C ASN B 226 -12.79 36.18 -11.89
N ALA B 227 -12.82 35.58 -13.09
CA ALA B 227 -13.67 36.05 -14.17
C ALA B 227 -13.98 34.93 -15.15
N LYS B 228 -15.19 34.95 -15.72
CA LYS B 228 -15.59 33.93 -16.69
C LYS B 228 -14.93 34.20 -18.04
N GLY B 229 -14.26 33.18 -18.58
CA GLY B 229 -13.55 33.30 -19.85
C GLY B 229 -14.23 32.58 -20.99
N ARG B 230 -14.11 33.14 -22.20
CA ARG B 230 -14.71 32.60 -23.41
C ARG B 230 -13.72 32.71 -24.56
N LEU B 231 -13.37 31.57 -25.17
CA LEU B 231 -12.49 31.60 -26.33
C LEU B 231 -13.31 31.95 -27.57
N ILE B 232 -12.97 33.07 -28.22
CA ILE B 232 -13.70 33.53 -29.39
C ILE B 232 -12.89 33.42 -30.69
N SER B 233 -11.57 33.36 -30.62
CA SER B 233 -10.73 33.00 -31.75
C SER B 233 -9.51 32.30 -31.20
N PRO B 234 -8.66 31.70 -32.05
CA PRO B 234 -7.54 30.93 -31.52
C PRO B 234 -6.71 31.64 -30.44
N HIS B 235 -6.53 32.97 -30.51
CA HIS B 235 -5.68 33.69 -29.58
C HIS B 235 -6.39 34.72 -28.71
N GLU B 236 -7.71 34.82 -28.78
CA GLU B 236 -8.47 35.87 -28.12
C GLU B 236 -9.39 35.26 -27.08
N VAL B 237 -9.34 35.78 -25.85
CA VAL B 237 -10.17 35.30 -24.74
C VAL B 237 -10.95 36.47 -24.19
N GLN B 238 -12.28 36.35 -24.24
CA GLN B 238 -13.17 37.38 -23.73
C GLN B 238 -13.52 37.09 -22.28
N ILE B 239 -13.32 38.07 -21.40
CA ILE B 239 -13.51 37.89 -19.96
C ILE B 239 -14.63 38.79 -19.48
N THR B 240 -15.36 38.31 -18.47
CA THR B 240 -16.45 39.04 -17.84
C THR B 240 -16.27 38.99 -16.33
N ASP B 241 -16.06 40.14 -15.70
CA ASP B 241 -15.71 40.17 -14.28
C ASP B 241 -16.96 40.16 -13.42
N LYS B 242 -16.79 40.38 -12.11
CA LYS B 242 -17.91 40.31 -11.18
C LYS B 242 -18.88 41.48 -11.33
N ASN B 243 -18.43 42.63 -11.84
CA ASN B 243 -19.29 43.77 -12.14
C ASN B 243 -19.74 43.78 -13.60
N GLN B 244 -19.82 42.61 -14.23
CA GLN B 244 -20.33 42.43 -15.60
C GLN B 244 -19.49 43.14 -16.65
N LYS B 245 -18.27 43.57 -16.32
CA LYS B 245 -17.44 44.29 -17.28
C LYS B 245 -16.76 43.31 -18.24
N VAL B 246 -16.90 43.58 -19.55
CA VAL B 246 -16.41 42.69 -20.61
C VAL B 246 -15.20 43.33 -21.28
N SER B 247 -14.17 42.51 -21.53
CA SER B 247 -12.96 42.97 -22.22
C SER B 247 -12.31 41.75 -22.87
N THR B 248 -11.14 41.96 -23.50
CA THR B 248 -10.46 40.91 -24.24
C THR B 248 -8.97 40.91 -23.92
N ILE B 249 -8.39 39.71 -23.81
CA ILE B 249 -6.96 39.55 -23.62
C ILE B 249 -6.49 38.51 -24.63
N THR B 250 -5.20 38.57 -24.95
CA THR B 250 -4.64 37.70 -25.97
C THR B 250 -3.55 36.81 -25.40
N GLY B 251 -3.43 35.60 -25.96
CA GLY B 251 -2.40 34.69 -25.52
C GLY B 251 -1.84 33.91 -26.69
N ASN B 252 -0.62 33.44 -26.53
CA ASN B 252 -0.01 32.59 -27.54
C ASN B 252 -0.58 31.17 -27.49
N LYS B 253 -0.35 30.46 -26.38
CA LYS B 253 -0.96 29.16 -26.14
C LYS B 253 -2.16 29.31 -25.22
N ILE B 254 -3.14 28.44 -25.40
CA ILE B 254 -4.36 28.41 -24.59
C ILE B 254 -4.54 27.00 -24.05
N ILE B 255 -4.90 26.88 -22.76
CA ILE B 255 -5.24 25.60 -22.17
C ILE B 255 -6.66 25.68 -21.64
N LEU B 256 -7.56 24.88 -22.22
CA LEU B 256 -8.91 24.71 -21.68
C LEU B 256 -8.89 23.66 -20.57
N ALA B 257 -9.38 24.03 -19.39
CA ALA B 257 -9.39 23.14 -18.24
C ALA B 257 -10.56 23.50 -17.33
N THR B 258 -11.77 23.52 -17.88
CA THR B 258 -12.95 24.05 -17.20
C THR B 258 -13.78 22.99 -16.48
N GLY B 259 -13.45 21.70 -16.60
CA GLY B 259 -14.16 20.67 -15.81
C GLY B 259 -15.62 20.43 -16.22
N GLU B 260 -16.38 19.87 -15.26
CA GLU B 260 -17.78 19.49 -15.44
C GLU B 260 -18.58 19.92 -14.21
N ARG B 261 -19.91 19.77 -14.30
CA ARG B 261 -20.83 20.01 -13.19
C ARG B 261 -21.88 18.91 -13.19
N PRO B 262 -22.63 18.74 -12.09
CA PRO B 262 -23.59 17.62 -12.03
C PRO B 262 -24.80 17.81 -12.95
N LYS B 263 -25.32 16.70 -13.47
CA LYS B 263 -26.59 16.70 -14.18
C LYS B 263 -27.76 16.54 -13.21
N TYR B 264 -28.95 17.06 -13.62
CA TYR B 264 -30.25 16.78 -13.04
C TYR B 264 -31.11 16.01 -14.03
N PRO B 265 -31.92 15.04 -13.57
CA PRO B 265 -32.86 14.41 -14.50
C PRO B 265 -33.98 15.37 -14.87
N GLU B 266 -34.46 15.24 -16.10
CA GLU B 266 -35.53 16.09 -16.63
C GLU B 266 -36.89 15.63 -16.10
N ILE B 267 -37.14 15.94 -14.82
CA ILE B 267 -38.42 15.62 -14.18
C ILE B 267 -38.85 16.78 -13.34
N PRO B 268 -40.16 16.93 -13.09
CA PRO B 268 -40.65 18.06 -12.29
C PRO B 268 -40.10 18.02 -10.87
N GLY B 269 -39.76 19.21 -10.35
CA GLY B 269 -39.33 19.39 -8.98
C GLY B 269 -37.84 19.17 -8.73
N ALA B 270 -37.10 18.62 -9.70
CA ALA B 270 -35.72 18.20 -9.42
C ALA B 270 -34.84 19.39 -9.09
N VAL B 271 -34.73 20.35 -10.01
CA VAL B 271 -33.89 21.53 -9.81
C VAL B 271 -34.41 22.36 -8.65
N GLU B 272 -35.74 22.46 -8.52
CA GLU B 272 -36.34 23.30 -7.50
C GLU B 272 -36.11 22.75 -6.09
N TYR B 273 -36.23 21.43 -5.90
CA TYR B 273 -36.28 20.91 -4.54
C TYR B 273 -35.19 19.89 -4.19
N GLY B 274 -34.48 19.34 -5.18
CA GLY B 274 -33.34 18.48 -4.91
C GLY B 274 -32.03 19.27 -4.74
N ILE B 275 -30.97 18.55 -4.38
CA ILE B 275 -29.61 19.09 -4.34
C ILE B 275 -28.66 18.07 -4.98
N THR B 276 -27.41 18.48 -5.14
CA THR B 276 -26.35 17.61 -5.64
C THR B 276 -25.16 17.67 -4.70
N SER B 277 -24.09 16.98 -5.10
CA SER B 277 -22.84 16.99 -4.32
C SER B 277 -22.27 18.40 -4.16
N ASP B 278 -22.49 19.27 -5.16
CA ASP B 278 -22.09 20.68 -5.08
C ASP B 278 -22.60 21.35 -3.80
N ASP B 279 -23.83 21.03 -3.40
CA ASP B 279 -24.44 21.66 -2.24
C ASP B 279 -24.15 20.91 -0.94
N LEU B 280 -23.93 19.59 -1.01
CA LEU B 280 -23.89 18.76 0.19
C LEU B 280 -22.74 19.13 1.12
N PHE B 281 -21.59 19.51 0.57
CA PHE B 281 -20.39 19.61 1.40
C PHE B 281 -20.33 20.90 2.22
N SER B 282 -21.19 21.89 1.93
CA SER B 282 -21.31 23.05 2.81
C SER B 282 -22.73 23.22 3.36
N LEU B 283 -23.55 22.17 3.35
CA LEU B 283 -24.95 22.28 3.78
C LEU B 283 -25.04 22.69 5.25
N PRO B 284 -25.81 23.72 5.58
CA PRO B 284 -25.81 24.22 6.96
C PRO B 284 -26.67 23.42 7.94
N TYR B 285 -27.51 22.48 7.48
CA TYR B 285 -28.30 21.60 8.34
C TYR B 285 -28.01 20.14 7.99
N PHE B 286 -28.19 19.25 8.97
CA PHE B 286 -28.09 17.83 8.66
C PHE B 286 -29.14 17.45 7.62
N PRO B 287 -28.79 16.67 6.60
CA PRO B 287 -29.79 16.29 5.61
C PRO B 287 -31.00 15.56 6.18
N GLY B 288 -30.86 14.84 7.29
CA GLY B 288 -32.00 14.12 7.85
C GLY B 288 -32.24 12.83 7.10
N LYS B 289 -33.51 12.44 7.00
CA LYS B 289 -33.86 11.26 6.19
C LYS B 289 -33.69 11.59 4.71
N THR B 290 -32.82 10.84 4.04
CA THR B 290 -32.28 11.21 2.75
C THR B 290 -32.48 10.11 1.72
N LEU B 291 -32.85 10.52 0.50
CA LEU B 291 -32.86 9.66 -0.69
C LEU B 291 -31.74 10.12 -1.61
N VAL B 292 -30.86 9.20 -1.99
CA VAL B 292 -29.81 9.45 -2.99
C VAL B 292 -30.24 8.75 -4.26
N ILE B 293 -30.36 9.50 -5.34
CA ILE B 293 -30.83 8.98 -6.62
C ILE B 293 -29.60 8.78 -7.52
N GLY B 294 -29.33 7.53 -7.90
CA GLY B 294 -28.20 7.19 -8.74
C GLY B 294 -27.35 6.10 -8.11
N ALA B 295 -26.30 5.69 -8.85
CA ALA B 295 -25.54 4.52 -8.44
C ALA B 295 -24.06 4.57 -8.87
N SER B 296 -23.53 5.74 -9.13
CA SER B 296 -22.12 5.97 -9.40
C SER B 296 -21.31 5.97 -8.10
N TYR B 297 -19.99 6.17 -8.21
CA TYR B 297 -19.18 6.21 -6.99
C TYR B 297 -19.56 7.40 -6.12
N VAL B 298 -20.01 8.51 -6.71
CA VAL B 298 -20.42 9.67 -5.92
C VAL B 298 -21.63 9.33 -5.07
N ALA B 299 -22.61 8.66 -5.68
CA ALA B 299 -23.83 8.29 -4.97
C ALA B 299 -23.55 7.37 -3.79
N LEU B 300 -22.78 6.29 -4.02
CA LEU B 300 -22.56 5.30 -2.96
C LEU B 300 -21.68 5.88 -1.86
N GLU B 301 -20.66 6.67 -2.23
CA GLU B 301 -19.78 7.27 -1.24
C GLU B 301 -20.54 8.21 -0.32
N CYS B 302 -21.43 9.04 -0.89
CA CYS B 302 -22.21 9.96 -0.07
C CYS B 302 -23.25 9.22 0.78
N ALA B 303 -23.96 8.25 0.19
CA ALA B 303 -24.90 7.47 0.99
C ALA B 303 -24.20 6.78 2.14
N GLY B 304 -22.98 6.29 1.91
CA GLY B 304 -22.29 5.53 2.95
C GLY B 304 -21.90 6.35 4.17
N PHE B 305 -21.31 7.52 3.98
CA PHE B 305 -20.96 8.28 5.19
C PHE B 305 -22.20 8.87 5.85
N LEU B 306 -23.21 9.24 5.07
CA LEU B 306 -24.45 9.75 5.70
C LEU B 306 -25.04 8.70 6.66
N ALA B 307 -25.01 7.43 6.28
CA ALA B 307 -25.57 6.39 7.14
C ALA B 307 -24.70 6.18 8.38
N SER B 308 -23.37 6.27 8.22
CA SER B 308 -22.47 6.12 9.36
C SER B 308 -22.57 7.29 10.35
N LEU B 309 -23.02 8.46 9.91
CA LEU B 309 -23.21 9.58 10.82
C LEU B 309 -24.60 9.61 11.47
N GLY B 310 -25.38 8.53 11.33
CA GLY B 310 -26.67 8.43 11.98
C GLY B 310 -27.89 8.62 11.09
N GLY B 311 -27.71 8.88 9.80
CA GLY B 311 -28.83 9.15 8.93
C GLY B 311 -29.64 7.93 8.54
N ASP B 312 -30.88 8.20 8.11
CA ASP B 312 -31.80 7.24 7.53
C ASP B 312 -31.73 7.42 6.02
N VAL B 313 -31.09 6.47 5.32
CA VAL B 313 -30.60 6.72 3.97
C VAL B 313 -31.09 5.62 3.03
N THR B 314 -31.60 6.02 1.86
CA THR B 314 -32.05 5.12 0.80
C THR B 314 -31.37 5.50 -0.51
N VAL B 315 -31.03 4.49 -1.31
CA VAL B 315 -30.43 4.69 -2.62
C VAL B 315 -31.35 4.08 -3.66
N MET B 316 -31.74 4.87 -4.66
CA MET B 316 -32.61 4.45 -5.75
C MET B 316 -31.75 4.13 -6.96
N VAL B 317 -31.78 2.88 -7.41
CA VAL B 317 -30.88 2.36 -8.44
C VAL B 317 -31.69 2.05 -9.69
N ARG B 318 -31.33 2.69 -10.81
CA ARG B 318 -31.96 2.41 -12.09
C ARG B 318 -31.71 0.98 -12.55
N SER B 319 -30.43 0.61 -12.70
CA SER B 319 -30.07 -0.72 -13.21
C SER B 319 -29.06 -1.42 -12.30
N ILE B 320 -27.78 -1.06 -12.40
CA ILE B 320 -26.72 -1.72 -11.63
C ILE B 320 -25.94 -0.67 -10.83
N LEU B 321 -25.16 -1.18 -9.88
CA LEU B 321 -24.21 -0.39 -9.11
C LEU B 321 -22.87 -0.29 -9.83
N LEU B 322 -22.30 0.92 -9.86
CA LEU B 322 -20.93 1.16 -10.31
C LEU B 322 -20.69 0.65 -11.75
N ARG B 323 -21.55 1.06 -12.68
CA ARG B 323 -21.42 0.66 -14.07
C ARG B 323 -20.03 1.01 -14.61
N GLY B 324 -19.41 0.07 -15.31
CA GLY B 324 -18.04 0.24 -15.78
C GLY B 324 -16.96 -0.28 -14.84
N PHE B 325 -17.30 -0.60 -13.60
CA PHE B 325 -16.40 -1.29 -12.66
C PHE B 325 -16.74 -2.78 -12.65
N ASP B 326 -15.74 -3.59 -12.27
CA ASP B 326 -15.94 -5.03 -12.03
C ASP B 326 -17.22 -5.28 -11.25
N GLN B 327 -18.15 -6.02 -11.86
CA GLN B 327 -19.46 -6.14 -11.26
C GLN B 327 -19.48 -7.08 -10.05
N GLN B 328 -18.60 -8.09 -10.01
CA GLN B 328 -18.51 -8.89 -8.79
C GLN B 328 -18.15 -8.01 -7.60
N MET B 329 -17.18 -7.12 -7.78
CA MET B 329 -16.75 -6.25 -6.70
C MET B 329 -17.84 -5.25 -6.33
N ALA B 330 -18.52 -4.68 -7.33
CA ALA B 330 -19.60 -3.73 -7.07
C ALA B 330 -20.68 -4.35 -6.21
N GLU B 331 -21.05 -5.61 -6.49
CA GLU B 331 -22.08 -6.28 -5.70
C GLU B 331 -21.62 -6.55 -4.28
N LYS B 332 -20.34 -6.89 -4.08
CA LYS B 332 -19.82 -7.03 -2.72
C LYS B 332 -19.85 -5.70 -1.98
N VAL B 333 -19.51 -4.60 -2.69
CA VAL B 333 -19.56 -3.26 -2.08
C VAL B 333 -20.96 -2.93 -1.59
N GLY B 334 -21.97 -3.16 -2.44
CA GLY B 334 -23.33 -2.84 -2.06
C GLY B 334 -23.90 -3.75 -0.97
N ASP B 335 -23.55 -5.04 -1.01
CA ASP B 335 -23.98 -5.96 0.05
C ASP B 335 -23.47 -5.51 1.42
N TYR B 336 -22.18 -5.12 1.50
CA TYR B 336 -21.69 -4.61 2.77
C TYR B 336 -22.52 -3.41 3.22
N MET B 337 -22.82 -2.49 2.30
CA MET B 337 -23.60 -1.30 2.62
C MET B 337 -25.00 -1.66 3.10
N GLU B 338 -25.64 -2.63 2.44
CA GLU B 338 -27.00 -3.03 2.81
C GLU B 338 -27.04 -3.74 4.16
N ASN B 339 -25.96 -4.45 4.52
CA ASN B 339 -25.86 -5.09 5.82
C ASN B 339 -25.55 -4.10 6.93
N HIS B 340 -25.06 -2.92 6.60
CA HIS B 340 -24.66 -1.94 7.61
C HIS B 340 -25.45 -0.65 7.49
N GLY B 341 -26.74 -0.76 7.13
CA GLY B 341 -27.70 0.29 7.38
C GLY B 341 -28.20 1.07 6.17
N VAL B 342 -27.65 0.89 4.98
CA VAL B 342 -28.14 1.58 3.79
C VAL B 342 -29.23 0.74 3.13
N LYS B 343 -30.39 1.35 2.89
CA LYS B 343 -31.47 0.71 2.14
C LYS B 343 -31.35 1.00 0.64
N PHE B 344 -31.79 0.04 -0.17
CA PHE B 344 -31.73 0.15 -1.62
C PHE B 344 -33.12 -0.08 -2.21
N ALA B 345 -33.57 0.81 -3.09
CA ALA B 345 -34.78 0.60 -3.89
C ALA B 345 -34.32 0.27 -5.31
N LYS B 346 -34.32 -1.03 -5.64
CA LYS B 346 -33.62 -1.51 -6.81
C LYS B 346 -34.53 -1.54 -8.04
N LEU B 347 -33.91 -1.36 -9.21
CA LEU B 347 -34.62 -1.27 -10.50
C LEU B 347 -35.77 -0.26 -10.43
N CYS B 348 -35.40 1.01 -10.20
CA CYS B 348 -36.34 2.07 -9.89
C CYS B 348 -35.83 3.40 -10.45
N VAL B 349 -36.74 4.20 -11.01
CA VAL B 349 -36.40 5.54 -11.49
C VAL B 349 -37.40 6.55 -10.90
N PRO B 350 -37.03 7.81 -10.72
CA PRO B 350 -37.99 8.81 -10.18
C PRO B 350 -38.82 9.48 -11.26
N ASP B 351 -40.04 9.85 -10.88
CA ASP B 351 -40.99 10.52 -11.77
C ASP B 351 -41.21 11.99 -11.46
N GLU B 352 -41.25 12.37 -10.17
CA GLU B 352 -41.44 13.76 -9.79
C GLU B 352 -41.09 13.93 -8.31
N ILE B 353 -40.73 15.16 -7.95
CA ILE B 353 -40.45 15.56 -6.58
C ILE B 353 -41.43 16.66 -6.20
N LYS B 354 -42.22 16.42 -5.17
CA LYS B 354 -43.23 17.36 -4.71
C LYS B 354 -42.80 17.94 -3.36
N GLN B 355 -42.97 19.25 -3.19
CA GLN B 355 -42.58 19.91 -1.96
C GLN B 355 -43.72 19.84 -0.94
N LEU B 356 -43.41 19.38 0.27
CA LEU B 356 -44.36 19.41 1.36
C LEU B 356 -44.04 20.47 2.39
N LYS B 357 -42.79 20.90 2.47
CA LYS B 357 -42.33 21.78 3.52
C LYS B 357 -41.09 22.49 3.01
N VAL B 358 -41.10 23.83 3.07
CA VAL B 358 -39.97 24.63 2.63
C VAL B 358 -38.82 24.50 3.63
N VAL B 359 -37.57 24.58 3.13
CA VAL B 359 -36.41 24.61 3.99
C VAL B 359 -36.50 25.78 4.98
N ASP B 360 -36.18 25.50 6.25
CA ASP B 360 -36.26 26.46 7.35
C ASP B 360 -34.87 27.05 7.59
N THR B 361 -34.57 28.15 6.88
CA THR B 361 -33.25 28.77 6.97
C THR B 361 -32.93 29.24 8.39
N GLU B 362 -33.94 29.73 9.12
CA GLU B 362 -33.68 30.35 10.42
C GLU B 362 -33.37 29.31 11.49
N ASN B 363 -34.29 28.37 11.73
CA ASN B 363 -34.02 27.30 12.70
C ASN B 363 -33.06 26.23 12.17
N ASN B 364 -32.52 26.41 10.97
CA ASN B 364 -31.49 25.53 10.43
C ASN B 364 -31.97 24.07 10.32
N LYS B 365 -33.07 23.90 9.59
CA LYS B 365 -33.72 22.61 9.44
C LYS B 365 -34.03 22.36 7.97
N PRO B 366 -33.98 21.11 7.53
CA PRO B 366 -34.40 20.79 6.16
C PRO B 366 -35.91 20.92 6.00
N GLY B 367 -36.35 20.94 4.75
CA GLY B 367 -37.77 20.89 4.44
C GLY B 367 -38.33 19.48 4.49
N LEU B 368 -39.24 19.16 3.55
CA LEU B 368 -39.83 17.83 3.47
C LEU B 368 -40.36 17.62 2.05
N LEU B 369 -40.09 16.44 1.49
CA LEU B 369 -40.40 16.17 0.10
C LEU B 369 -41.15 14.84 -0.05
N LEU B 370 -41.98 14.76 -1.08
CA LEU B 370 -42.64 13.52 -1.51
C LEU B 370 -42.04 13.10 -2.85
N VAL B 371 -41.46 11.90 -2.91
CA VAL B 371 -40.85 11.40 -4.13
C VAL B 371 -41.77 10.35 -4.74
N LYS B 372 -41.97 10.43 -6.06
CA LYS B 372 -42.81 9.51 -6.81
C LYS B 372 -41.99 8.88 -7.92
N GLY B 373 -42.11 7.58 -8.07
CA GLY B 373 -41.40 6.86 -9.10
C GLY B 373 -42.03 5.52 -9.38
N HIS B 374 -41.28 4.65 -10.06
CA HIS B 374 -41.83 3.37 -10.48
C HIS B 374 -40.72 2.40 -10.85
N TYR B 375 -40.99 1.11 -10.68
CA TYR B 375 -40.03 0.06 -10.97
C TYR B 375 -40.15 -0.41 -12.42
N THR B 376 -39.09 -1.07 -12.91
CA THR B 376 -39.06 -1.42 -14.32
C THR B 376 -40.14 -2.42 -14.72
N ASP B 377 -40.78 -3.08 -13.76
CA ASP B 377 -41.90 -3.97 -14.06
C ASP B 377 -43.23 -3.24 -14.09
N GLY B 378 -43.30 -2.03 -13.53
CA GLY B 378 -44.51 -1.22 -13.55
C GLY B 378 -45.03 -0.80 -12.20
N LYS B 379 -44.61 -1.45 -11.11
CA LYS B 379 -45.11 -1.08 -9.78
C LYS B 379 -44.65 0.33 -9.40
N LYS B 380 -45.24 0.85 -8.33
CA LYS B 380 -45.13 2.26 -7.97
C LYS B 380 -44.24 2.45 -6.74
N PHE B 381 -43.57 3.60 -6.70
CA PHE B 381 -42.77 4.04 -5.56
C PHE B 381 -43.33 5.35 -5.03
N GLU B 382 -43.52 5.43 -3.72
CA GLU B 382 -44.01 6.67 -3.11
C GLU B 382 -43.56 6.69 -1.66
N GLU B 383 -42.80 7.74 -1.28
CA GLU B 383 -42.24 7.84 0.06
C GLU B 383 -41.72 9.26 0.28
N GLU B 384 -41.76 9.70 1.53
CA GLU B 384 -41.33 11.03 1.90
C GLU B 384 -39.87 11.01 2.36
N PHE B 385 -39.18 12.12 2.10
CA PHE B 385 -37.78 12.33 2.49
C PHE B 385 -37.58 13.80 2.80
N GLU B 386 -36.60 14.10 3.66
CA GLU B 386 -36.28 15.50 3.96
C GLU B 386 -35.28 16.10 2.98
N THR B 387 -34.41 15.28 2.41
CA THR B 387 -33.40 15.70 1.44
C THR B 387 -33.38 14.68 0.31
N VAL B 388 -33.33 15.17 -0.92
CA VAL B 388 -33.15 14.32 -2.09
C VAL B 388 -31.89 14.80 -2.80
N ILE B 389 -30.93 13.90 -2.98
CA ILE B 389 -29.64 14.19 -3.59
C ILE B 389 -29.57 13.49 -4.93
N PHE B 390 -29.31 14.24 -6.00
CA PHE B 390 -29.13 13.65 -7.32
C PHE B 390 -27.64 13.42 -7.58
N ALA B 391 -27.28 12.20 -8.00
CA ALA B 391 -25.92 11.87 -8.44
C ALA B 391 -26.08 10.96 -9.67
N VAL B 392 -26.50 11.57 -10.78
CA VAL B 392 -26.82 10.83 -12.00
C VAL B 392 -25.89 11.27 -13.13
N GLY B 393 -24.65 11.62 -12.79
CA GLY B 393 -23.64 11.92 -13.80
C GLY B 393 -23.24 13.37 -13.79
N ARG B 394 -22.18 13.65 -14.55
CA ARG B 394 -21.62 15.00 -14.70
C ARG B 394 -21.32 15.24 -16.17
N GLU B 395 -21.31 16.51 -16.59
CA GLU B 395 -21.12 16.84 -17.99
C GLU B 395 -20.45 18.20 -18.12
N PRO B 396 -19.70 18.43 -19.19
CA PRO B 396 -19.16 19.77 -19.43
C PRO B 396 -20.23 20.66 -20.05
N GLN B 397 -19.97 21.96 -20.04
CA GLN B 397 -20.84 22.92 -20.72
C GLN B 397 -19.98 23.81 -21.61
N LEU B 398 -19.32 23.19 -22.59
CA LEU B 398 -18.34 23.92 -23.38
C LEU B 398 -18.97 24.94 -24.31
N SER B 399 -20.29 24.86 -24.52
CA SER B 399 -21.03 25.98 -25.09
C SER B 399 -20.71 27.30 -24.39
N LYS B 400 -20.69 27.28 -23.06
CA LYS B 400 -20.40 28.49 -22.28
C LYS B 400 -18.93 28.90 -22.38
N VAL B 401 -18.05 28.01 -22.81
CA VAL B 401 -16.61 28.25 -22.73
C VAL B 401 -16.03 28.65 -24.07
N LEU B 402 -16.54 28.09 -25.16
CA LEU B 402 -15.86 28.10 -26.44
C LEU B 402 -16.86 28.42 -27.55
N CYS B 403 -16.51 29.41 -28.38
CA CYS B 403 -17.36 29.77 -29.51
C CYS B 403 -17.23 28.75 -30.64
N GLU B 404 -18.39 28.38 -31.21
CA GLU B 404 -18.47 27.45 -32.33
C GLU B 404 -17.53 27.79 -33.47
N THR B 405 -17.27 29.08 -33.72
CA THR B 405 -16.52 29.46 -34.91
C THR B 405 -15.01 29.23 -34.78
N VAL B 406 -14.51 29.01 -33.55
CA VAL B 406 -13.07 28.83 -33.37
C VAL B 406 -12.59 27.57 -34.07
N GLY B 407 -13.42 26.53 -34.12
CA GLY B 407 -13.09 25.30 -34.80
C GLY B 407 -12.50 24.21 -33.94
N VAL B 408 -12.75 24.22 -32.63
CA VAL B 408 -12.29 23.15 -31.75
C VAL B 408 -13.34 22.04 -31.78
N LYS B 409 -12.93 20.86 -32.23
CA LYS B 409 -13.85 19.74 -32.43
C LYS B 409 -14.21 19.08 -31.11
N LEU B 410 -15.50 18.78 -30.95
CA LEU B 410 -16.02 18.04 -29.81
C LEU B 410 -16.56 16.69 -30.25
N ASP B 411 -16.79 15.81 -29.28
CA ASP B 411 -17.40 14.52 -29.55
C ASP B 411 -18.90 14.58 -29.22
N LYS B 412 -19.57 13.43 -29.32
CA LYS B 412 -21.02 13.38 -29.14
C LYS B 412 -21.44 13.63 -27.69
N ASN B 413 -20.51 13.54 -26.74
CA ASN B 413 -20.79 13.83 -25.35
C ASN B 413 -20.51 15.28 -24.96
N GLY B 414 -19.86 16.04 -25.83
CA GLY B 414 -19.47 17.40 -25.50
C GLY B 414 -18.06 17.54 -24.97
N ARG B 415 -17.20 16.54 -25.17
CA ARG B 415 -15.81 16.60 -24.70
C ARG B 415 -14.86 16.85 -25.87
N VAL B 416 -13.73 17.48 -25.57
CA VAL B 416 -12.79 17.92 -26.59
C VAL B 416 -11.99 16.73 -27.10
N VAL B 417 -11.85 16.65 -28.42
CA VAL B 417 -11.11 15.59 -29.11
C VAL B 417 -9.66 16.04 -29.23
N CYS B 418 -8.74 15.24 -28.68
CA CYS B 418 -7.33 15.65 -28.56
C CYS B 418 -6.41 14.57 -29.11
N THR B 419 -5.22 15.01 -29.52
CA THR B 419 -4.14 14.09 -29.81
C THR B 419 -3.54 13.57 -28.50
N ASP B 420 -2.53 12.70 -28.60
CA ASP B 420 -1.94 12.11 -27.40
C ASP B 420 -1.02 13.09 -26.67
N ASP B 421 -0.89 14.33 -27.17
CA ASP B 421 -0.19 15.39 -26.47
C ASP B 421 -1.12 16.54 -26.09
N GLU B 422 -2.42 16.23 -25.94
CA GLU B 422 -3.48 17.15 -25.50
C GLU B 422 -3.82 18.26 -26.50
N GLN B 423 -3.30 18.22 -27.73
CA GLN B 423 -3.59 19.26 -28.74
C GLN B 423 -4.98 19.10 -29.34
N THR B 424 -5.73 20.20 -29.43
CA THR B 424 -7.05 20.19 -30.07
C THR B 424 -6.89 20.21 -31.59
N THR B 425 -8.02 20.35 -32.30
CA THR B 425 -8.02 20.60 -33.74
C THR B 425 -7.52 22.01 -34.11
N VAL B 426 -7.18 22.84 -33.12
CA VAL B 426 -6.60 24.17 -33.34
C VAL B 426 -5.23 24.19 -32.68
N SER B 427 -4.21 24.50 -33.46
CA SER B 427 -2.84 24.06 -33.18
C SER B 427 -2.25 24.66 -31.90
N ASN B 428 -2.72 25.84 -31.47
CA ASN B 428 -2.23 26.48 -30.25
C ASN B 428 -3.14 26.29 -29.04
N VAL B 429 -4.21 25.51 -29.18
CA VAL B 429 -5.18 25.33 -28.11
C VAL B 429 -5.15 23.86 -27.66
N TYR B 430 -5.05 23.66 -26.34
CA TYR B 430 -4.98 22.33 -25.75
C TYR B 430 -6.10 22.17 -24.72
N ALA B 431 -6.42 20.93 -24.39
CA ALA B 431 -7.41 20.67 -23.35
C ALA B 431 -6.89 19.58 -22.42
N ILE B 432 -7.19 19.72 -21.12
CA ILE B 432 -6.70 18.81 -20.09
C ILE B 432 -7.81 18.53 -19.10
N GLY B 433 -7.67 17.43 -18.37
CA GLY B 433 -8.59 17.14 -17.28
C GLY B 433 -9.86 16.45 -17.78
N ASP B 434 -10.96 16.70 -17.05
CA ASP B 434 -12.19 15.96 -17.28
C ASP B 434 -12.81 16.22 -18.65
N ILE B 435 -12.47 17.33 -19.32
CA ILE B 435 -13.06 17.65 -20.62
C ILE B 435 -12.30 17.06 -21.79
N ASN B 436 -11.17 16.38 -21.54
CA ASN B 436 -10.43 15.68 -22.58
C ASN B 436 -11.12 14.33 -22.84
N ALA B 437 -11.66 14.15 -24.05
CA ALA B 437 -12.49 12.98 -24.35
C ALA B 437 -11.73 11.66 -24.21
N GLY B 438 -12.38 10.68 -23.58
CA GLY B 438 -11.86 9.34 -23.45
C GLY B 438 -10.86 9.12 -22.34
N LYS B 439 -10.49 10.16 -21.59
CA LYS B 439 -9.45 9.97 -20.59
C LYS B 439 -10.07 9.72 -19.21
N PRO B 440 -9.38 9.02 -18.29
CA PRO B 440 -9.95 8.81 -16.96
C PRO B 440 -10.08 10.14 -16.23
N GLN B 441 -11.22 10.35 -15.59
CA GLN B 441 -11.54 11.66 -15.02
C GLN B 441 -11.16 11.65 -13.53
N LEU B 442 -9.89 11.95 -13.26
CA LEU B 442 -9.35 11.87 -11.91
C LEU B 442 -8.39 13.01 -11.69
N THR B 443 -8.30 13.46 -10.43
CA THR B 443 -7.48 14.63 -10.12
C THR B 443 -6.00 14.41 -10.40
N PRO B 444 -5.37 13.27 -10.02
CA PRO B 444 -3.95 13.09 -10.36
C PRO B 444 -3.68 12.97 -11.85
N VAL B 445 -4.64 12.49 -12.64
CA VAL B 445 -4.46 12.50 -14.10
C VAL B 445 -4.40 13.94 -14.62
N ALA B 446 -5.32 14.79 -14.16
CA ALA B 446 -5.35 16.18 -14.63
C ALA B 446 -4.06 16.93 -14.26
N ILE B 447 -3.53 16.65 -13.06
CA ILE B 447 -2.30 17.31 -12.61
C ILE B 447 -1.11 16.87 -13.45
N GLN B 448 -0.98 15.56 -13.70
CA GLN B 448 0.12 15.07 -14.52
C GLN B 448 0.03 15.58 -15.96
N ALA B 449 -1.16 15.54 -16.56
CA ALA B 449 -1.33 16.11 -17.90
C ALA B 449 -0.93 17.59 -17.93
N GLY B 450 -1.36 18.35 -16.92
CA GLY B 450 -1.06 19.78 -16.90
C GLY B 450 0.42 20.09 -16.75
N ARG B 451 1.10 19.43 -15.80
CA ARG B 451 2.52 19.71 -15.59
C ARG B 451 3.36 19.24 -16.77
N TYR B 452 3.03 18.07 -17.34
CA TYR B 452 3.79 17.55 -18.48
C TYR B 452 3.58 18.40 -19.73
N LEU B 453 2.34 18.84 -19.99
CA LEU B 453 2.09 19.72 -21.13
C LEU B 453 2.88 21.01 -21.00
N ALA B 454 2.83 21.66 -19.83
CA ALA B 454 3.59 22.89 -19.62
C ALA B 454 5.07 22.70 -19.90
N ARG B 455 5.61 21.54 -19.55
CA ARG B 455 7.03 21.29 -19.74
C ARG B 455 7.38 21.15 -21.21
N ARG B 456 6.47 20.58 -22.00
CA ARG B 456 6.71 20.44 -23.43
C ARG B 456 6.62 21.78 -24.13
N LEU B 457 5.70 22.65 -23.71
CA LEU B 457 5.52 23.93 -24.39
C LEU B 457 6.66 24.87 -24.12
N PHE B 458 7.16 24.93 -22.88
CA PHE B 458 8.05 26.01 -22.49
C PHE B 458 9.44 25.58 -22.03
N ALA B 459 9.74 24.28 -21.98
CA ALA B 459 11.05 23.84 -21.53
C ALA B 459 11.68 22.80 -22.45
N GLY B 460 11.09 22.54 -23.61
CA GLY B 460 11.65 21.56 -24.53
C GLY B 460 11.56 20.12 -24.10
N ALA B 461 10.63 19.78 -23.20
CA ALA B 461 10.49 18.38 -22.81
C ALA B 461 9.73 17.61 -23.89
N THR B 462 9.87 16.28 -23.85
CA THR B 462 9.14 15.41 -24.77
C THR B 462 8.23 14.38 -24.09
N GLU B 463 8.30 14.26 -22.76
CA GLU B 463 7.56 13.18 -22.08
C GLU B 463 6.05 13.40 -22.18
N LEU B 464 5.32 12.36 -22.58
CA LEU B 464 3.86 12.34 -22.64
C LEU B 464 3.26 11.74 -21.37
N THR B 465 1.98 12.05 -21.12
CA THR B 465 1.22 11.43 -20.05
C THR B 465 0.70 10.04 -20.47
N ASP B 466 0.88 9.04 -19.60
CA ASP B 466 0.40 7.67 -19.86
C ASP B 466 -0.94 7.48 -19.18
N TYR B 467 -2.00 7.28 -19.97
CA TYR B 467 -3.36 7.16 -19.45
C TYR B 467 -3.81 5.73 -19.19
N SER B 468 -2.93 4.74 -19.30
CA SER B 468 -3.31 3.34 -19.24
C SER B 468 -3.09 2.76 -17.84
N ASN B 469 -4.01 1.87 -17.43
CA ASN B 469 -3.89 1.18 -16.13
C ASN B 469 -3.73 2.15 -14.96
N VAL B 470 -4.49 3.25 -14.97
CA VAL B 470 -4.47 4.20 -13.86
C VAL B 470 -5.34 3.63 -12.73
N ALA B 471 -4.76 3.52 -11.53
CA ALA B 471 -5.44 2.93 -10.38
C ALA B 471 -6.49 3.88 -9.80
N THR B 472 -7.48 3.30 -9.10
CA THR B 472 -8.64 3.99 -8.57
C THR B 472 -8.96 3.47 -7.16
N THR B 473 -9.67 4.28 -6.37
CA THR B 473 -10.26 3.78 -5.13
C THR B 473 -11.61 4.41 -4.88
N VAL B 474 -12.62 3.59 -4.63
CA VAL B 474 -13.95 4.03 -4.26
C VAL B 474 -14.03 4.01 -2.73
N PHE B 475 -14.26 5.17 -2.12
CA PHE B 475 -14.25 5.28 -0.65
C PHE B 475 -15.64 5.07 -0.04
N THR B 476 -16.27 3.94 -0.37
CA THR B 476 -17.44 3.46 0.32
C THR B 476 -17.09 2.99 1.74
N PRO B 477 -18.09 2.71 2.60
CA PRO B 477 -17.77 2.34 4.01
C PRO B 477 -16.72 1.25 4.14
N LEU B 478 -16.82 0.18 3.34
CA LEU B 478 -15.71 -0.70 3.07
C LEU B 478 -15.17 -0.33 1.69
N GLU B 479 -13.90 0.06 1.63
CA GLU B 479 -13.31 0.67 0.45
C GLU B 479 -12.92 -0.37 -0.60
N TYR B 480 -12.90 0.05 -1.87
CA TYR B 480 -12.65 -0.83 -3.00
C TYR B 480 -11.60 -0.20 -3.91
N GLY B 481 -10.45 -0.85 -4.03
CA GLY B 481 -9.36 -0.35 -4.86
C GLY B 481 -9.18 -1.24 -6.07
N ALA B 482 -8.73 -0.65 -7.19
CA ALA B 482 -8.59 -1.41 -8.43
C ALA B 482 -7.49 -0.82 -9.32
N CYS B 483 -6.83 -1.70 -10.08
CA CYS B 483 -5.88 -1.28 -11.11
C CYS B 483 -5.96 -2.26 -12.27
N GLY B 484 -6.29 -1.75 -13.46
CA GLY B 484 -6.35 -2.58 -14.65
C GLY B 484 -7.75 -3.04 -15.02
N LEU B 485 -7.83 -4.18 -15.71
CA LEU B 485 -9.09 -4.63 -16.27
C LEU B 485 -9.99 -5.28 -15.20
N SER B 486 -11.31 -5.07 -15.32
CA SER B 486 -12.24 -5.94 -14.60
C SER B 486 -12.17 -7.37 -15.15
N GLU B 487 -12.71 -8.32 -14.38
CA GLU B 487 -12.71 -9.71 -14.83
C GLU B 487 -13.51 -9.88 -16.12
N GLU B 488 -14.70 -9.28 -16.20
CA GLU B 488 -15.52 -9.46 -17.39
C GLU B 488 -14.87 -8.83 -18.63
N ASP B 489 -14.17 -7.71 -18.47
CA ASP B 489 -13.49 -7.08 -19.62
C ASP B 489 -12.34 -7.93 -20.13
N ALA B 490 -11.59 -8.56 -19.22
CA ALA B 490 -10.48 -9.41 -19.65
C ALA B 490 -10.97 -10.66 -20.37
N ILE B 491 -12.08 -11.25 -19.90
CA ILE B 491 -12.62 -12.43 -20.56
C ILE B 491 -13.10 -12.07 -21.96
N GLU B 492 -13.82 -10.95 -22.09
CA GLU B 492 -14.27 -10.49 -23.40
C GLU B 492 -13.10 -10.26 -24.34
N LYS B 493 -12.01 -9.66 -23.84
CA LYS B 493 -10.89 -9.31 -24.71
C LYS B 493 -10.07 -10.52 -25.14
N TYR B 494 -9.94 -11.54 -24.29
CA TYR B 494 -9.00 -12.63 -24.56
C TYR B 494 -9.63 -14.02 -24.61
N GLY B 495 -10.86 -14.18 -24.12
CA GLY B 495 -11.47 -15.50 -24.07
C GLY B 495 -11.32 -16.18 -22.73
N ASP B 496 -12.37 -16.90 -22.31
CA ASP B 496 -12.39 -17.49 -20.97
C ASP B 496 -11.26 -18.50 -20.75
N LYS B 497 -10.90 -19.27 -21.78
CA LYS B 497 -9.87 -20.28 -21.56
C LYS B 497 -8.49 -19.66 -21.38
N ASP B 498 -8.27 -18.42 -21.82
CA ASP B 498 -6.98 -17.75 -21.66
C ASP B 498 -6.88 -16.89 -20.39
N ILE B 499 -7.88 -16.93 -19.50
CA ILE B 499 -7.91 -16.10 -18.28
C ILE B 499 -7.89 -17.01 -17.05
N GLU B 500 -7.03 -16.67 -16.09
CA GLU B 500 -6.95 -17.34 -14.79
C GLU B 500 -7.12 -16.29 -13.69
N VAL B 501 -7.97 -16.58 -12.71
CA VAL B 501 -8.25 -15.67 -11.61
C VAL B 501 -7.88 -16.35 -10.30
N TYR B 502 -6.92 -15.78 -9.57
CA TYR B 502 -6.59 -16.19 -8.21
C TYR B 502 -7.34 -15.29 -7.22
N HIS B 503 -7.89 -15.87 -6.15
CA HIS B 503 -8.69 -15.04 -5.24
C HIS B 503 -8.69 -15.61 -3.83
N SER B 504 -9.05 -14.76 -2.86
CA SER B 504 -9.13 -15.13 -1.46
C SER B 504 -9.93 -14.10 -0.68
N ASN B 505 -10.72 -14.58 0.28
CA ASN B 505 -11.17 -13.74 1.37
C ASN B 505 -10.02 -13.47 2.35
N PHE B 506 -10.19 -12.43 3.16
CA PHE B 506 -9.25 -12.18 4.26
C PHE B 506 -9.99 -11.45 5.37
N LYS B 507 -9.34 -11.39 6.53
CA LYS B 507 -9.90 -10.72 7.71
C LYS B 507 -8.79 -9.86 8.30
N PRO B 508 -9.00 -8.56 8.46
CA PRO B 508 -7.95 -7.72 9.07
C PRO B 508 -7.70 -8.17 10.51
N LEU B 509 -6.42 -8.17 10.91
CA LEU B 509 -6.13 -8.53 12.30
C LEU B 509 -6.90 -7.63 13.27
N GLU B 510 -6.98 -6.32 12.96
CA GLU B 510 -7.72 -5.36 13.78
C GLU B 510 -9.19 -5.72 13.96
N TRP B 511 -9.77 -6.57 13.09
CA TRP B 511 -11.17 -6.95 13.21
C TRP B 511 -11.40 -8.13 14.14
N THR B 512 -10.33 -8.78 14.64
CA THR B 512 -10.52 -10.01 15.40
C THR B 512 -11.08 -9.72 16.78
N VAL B 513 -10.37 -8.91 17.56
CA VAL B 513 -10.80 -8.53 18.91
C VAL B 513 -12.07 -7.67 18.86
N ALA B 514 -12.26 -6.91 17.77
CA ALA B 514 -13.46 -6.09 17.60
C ALA B 514 -14.69 -6.89 17.17
N HIS B 515 -14.55 -8.20 16.91
CA HIS B 515 -15.69 -9.07 16.56
C HIS B 515 -16.39 -8.63 15.27
N ARG B 516 -15.62 -8.26 14.25
CA ARG B 516 -16.19 -7.93 12.95
C ARG B 516 -16.21 -9.19 12.06
N GLU B 517 -16.72 -9.06 10.82
CA GLU B 517 -17.05 -10.20 9.97
C GLU B 517 -15.81 -10.92 9.44
N ASP B 518 -15.92 -12.27 9.31
CA ASP B 518 -14.80 -13.13 8.93
C ASP B 518 -14.50 -13.12 7.43
N ASN B 519 -15.54 -13.08 6.59
CA ASN B 519 -15.38 -13.31 5.14
C ASN B 519 -16.15 -12.25 4.33
N VAL B 520 -15.86 -10.96 4.54
CA VAL B 520 -16.38 -9.93 3.65
C VAL B 520 -15.27 -9.28 2.85
N CYS B 521 -14.12 -9.01 3.46
CA CYS B 521 -12.98 -8.52 2.69
C CYS B 521 -12.55 -9.59 1.68
N TYR B 522 -12.08 -9.15 0.52
CA TYR B 522 -11.91 -10.02 -0.64
C TYR B 522 -10.92 -9.41 -1.62
N MET B 523 -10.10 -10.24 -2.26
CA MET B 523 -9.15 -9.75 -3.25
C MET B 523 -8.98 -10.79 -4.35
N LYS B 524 -8.56 -10.32 -5.53
CA LYS B 524 -8.40 -11.21 -6.67
C LYS B 524 -7.41 -10.60 -7.67
N LEU B 525 -6.74 -11.49 -8.41
CA LEU B 525 -5.86 -11.11 -9.52
C LEU B 525 -6.36 -11.77 -10.80
N VAL B 526 -6.60 -10.97 -11.83
CA VAL B 526 -7.06 -11.43 -13.15
C VAL B 526 -5.84 -11.53 -14.07
N CYS B 527 -5.53 -12.74 -14.55
CA CYS B 527 -4.25 -13.02 -15.22
C CYS B 527 -4.46 -13.67 -16.60
N ARG B 528 -3.48 -13.46 -17.49
CA ARG B 528 -3.52 -13.98 -18.86
C ARG B 528 -2.56 -15.17 -18.99
N LYS B 529 -3.12 -16.36 -19.22
CA LYS B 529 -2.31 -17.57 -19.26
C LYS B 529 -1.25 -17.51 -20.34
N SER B 530 -1.64 -17.16 -21.58
CA SER B 530 -0.70 -17.23 -22.70
C SER B 530 0.35 -16.13 -22.68
N ASP B 531 0.36 -15.25 -21.68
CA ASP B 531 1.41 -14.23 -21.59
C ASP B 531 2.11 -14.32 -20.24
N ASN B 532 2.57 -15.52 -19.89
CA ASN B 532 3.36 -15.73 -18.67
C ASN B 532 2.57 -15.38 -17.42
N MET B 533 1.24 -15.56 -17.46
CA MET B 533 0.35 -15.22 -16.35
C MET B 533 0.49 -13.74 -15.96
N ARG B 534 0.62 -12.87 -16.98
CA ARG B 534 0.56 -11.42 -16.81
C ARG B 534 -0.63 -11.01 -15.95
N VAL B 535 -0.40 -10.09 -15.00
CA VAL B 535 -1.50 -9.57 -14.20
C VAL B 535 -2.21 -8.48 -15.01
N LEU B 536 -3.46 -8.74 -15.42
CA LEU B 536 -4.26 -7.79 -16.20
C LEU B 536 -5.09 -6.85 -15.34
N GLY B 537 -5.54 -7.30 -14.16
CA GLY B 537 -6.27 -6.46 -13.24
C GLY B 537 -6.12 -6.94 -11.81
N LEU B 538 -6.03 -6.00 -10.87
CA LEU B 538 -5.99 -6.28 -9.43
C LEU B 538 -7.19 -5.61 -8.77
N HIS B 539 -7.81 -6.30 -7.81
CA HIS B 539 -9.00 -5.80 -7.11
C HIS B 539 -8.92 -6.13 -5.63
N VAL B 540 -9.28 -5.16 -4.77
CA VAL B 540 -9.26 -5.41 -3.33
C VAL B 540 -10.38 -4.64 -2.65
N LEU B 541 -11.13 -5.34 -1.80
CA LEU B 541 -12.20 -4.77 -0.98
C LEU B 541 -11.79 -4.91 0.49
N GLY B 542 -11.57 -3.79 1.18
CA GLY B 542 -11.08 -3.83 2.54
C GLY B 542 -10.68 -2.46 3.08
N PRO B 543 -10.28 -2.40 4.35
CA PRO B 543 -9.88 -1.11 4.92
C PRO B 543 -8.61 -0.61 4.26
N ASN B 544 -8.50 0.72 4.14
CA ASN B 544 -7.29 1.38 3.62
C ASN B 544 -6.96 0.92 2.18
N ALA B 545 -7.99 0.69 1.37
CA ALA B 545 -7.81 0.06 0.05
C ALA B 545 -6.95 0.89 -0.90
N GLY B 546 -6.96 2.23 -0.75
CA GLY B 546 -6.12 3.05 -1.62
C GLY B 546 -4.64 2.97 -1.26
N GLU B 547 -4.33 2.92 0.03
CA GLU B 547 -2.95 2.65 0.43
C GLU B 547 -2.49 1.26 -0.03
N ILE B 548 -3.34 0.25 0.10
CA ILE B 548 -3.00 -1.09 -0.38
C ILE B 548 -2.70 -1.08 -1.88
N THR B 549 -3.57 -0.43 -2.66
CA THR B 549 -3.51 -0.55 -4.11
C THR B 549 -2.34 0.21 -4.71
N GLN B 550 -2.02 1.41 -4.18
CA GLN B 550 -1.15 2.33 -4.91
C GLN B 550 0.16 1.68 -5.36
N GLY B 551 0.84 0.99 -4.46
CA GLY B 551 2.16 0.48 -4.78
C GLY B 551 2.14 -0.56 -5.89
N TYR B 552 1.15 -1.45 -5.89
CA TYR B 552 1.03 -2.42 -6.98
C TYR B 552 0.82 -1.76 -8.35
N ALA B 553 0.32 -0.52 -8.38
CA ALA B 553 0.18 0.17 -9.66
C ALA B 553 1.52 0.34 -10.37
N VAL B 554 2.60 0.55 -9.62
CA VAL B 554 3.91 0.62 -10.26
C VAL B 554 4.29 -0.73 -10.85
N ALA B 555 4.08 -1.82 -10.10
CA ALA B 555 4.42 -3.14 -10.61
C ALA B 555 3.61 -3.51 -11.86
N ILE B 556 2.33 -3.11 -11.90
CA ILE B 556 1.50 -3.40 -13.06
C ILE B 556 1.95 -2.59 -14.27
N LYS B 557 2.39 -1.34 -14.04
CA LYS B 557 2.92 -0.51 -15.13
C LYS B 557 4.14 -1.15 -15.77
N MET B 558 4.96 -1.83 -14.95
CA MET B 558 6.16 -2.53 -15.38
C MET B 558 5.89 -3.92 -15.94
N GLY B 559 4.65 -4.39 -15.94
CA GLY B 559 4.30 -5.67 -16.53
C GLY B 559 4.36 -6.86 -15.59
N ALA B 560 3.89 -6.71 -14.35
CA ALA B 560 4.02 -7.79 -13.38
C ALA B 560 3.26 -9.04 -13.82
N THR B 561 3.83 -10.20 -13.50
CA THR B 561 3.20 -11.50 -13.67
C THR B 561 2.91 -12.11 -12.30
N LYS B 562 2.17 -13.22 -12.30
CA LYS B 562 1.89 -13.90 -11.05
C LYS B 562 3.18 -14.32 -10.36
N ALA B 563 4.16 -14.80 -11.14
CA ALA B 563 5.44 -15.20 -10.56
C ALA B 563 6.14 -14.04 -9.85
N ASP B 564 5.95 -12.81 -10.33
CA ASP B 564 6.50 -11.65 -9.62
C ASP B 564 5.85 -11.47 -8.26
N PHE B 565 4.53 -11.68 -8.17
CA PHE B 565 3.84 -11.57 -6.88
C PHE B 565 4.26 -12.70 -5.93
N ASP B 566 4.48 -13.90 -6.48
CA ASP B 566 4.86 -15.06 -5.66
C ASP B 566 6.27 -14.93 -5.11
N ARG B 567 7.21 -14.43 -5.91
CA ARG B 567 8.58 -14.39 -5.40
C ARG B 567 8.83 -13.24 -4.42
N THR B 568 7.93 -12.25 -4.36
CA THR B 568 8.04 -11.17 -3.38
C THR B 568 7.50 -11.65 -2.03
N ILE B 569 8.13 -11.22 -0.93
CA ILE B 569 7.76 -11.69 0.42
C ILE B 569 6.79 -10.69 1.07
N GLY B 570 5.85 -11.21 1.87
CA GLY B 570 4.89 -10.34 2.52
C GLY B 570 5.45 -9.61 3.74
N ILE B 571 4.78 -8.50 4.08
CA ILE B 571 4.98 -7.79 5.35
C ILE B 571 3.86 -8.20 6.30
N HIS B 572 4.20 -8.61 7.52
CA HIS B 572 3.26 -9.22 8.44
C HIS B 572 3.30 -8.48 9.77
N PRO B 573 2.13 -8.17 10.37
CA PRO B 573 0.77 -8.44 9.88
C PRO B 573 0.14 -7.26 9.12
N THR B 574 -0.25 -7.49 7.87
CA THR B 574 -0.94 -6.50 7.06
C THR B 574 -2.05 -7.18 6.28
N CYS B 575 -3.02 -6.38 5.83
CA CYS B 575 -3.99 -6.87 4.85
C CYS B 575 -3.33 -7.11 3.49
N SER B 576 -2.41 -6.23 3.11
CA SER B 576 -1.87 -6.26 1.74
C SER B 576 -1.04 -7.51 1.48
N GLU B 577 -0.44 -8.13 2.51
CA GLU B 577 0.40 -9.29 2.29
C GLU B 577 -0.34 -10.46 1.67
N THR B 578 -1.68 -10.51 1.78
CA THR B 578 -2.45 -11.61 1.18
C THR B 578 -2.25 -11.68 -0.32
N PHE B 579 -1.86 -10.59 -0.98
CA PHE B 579 -1.58 -10.63 -2.41
C PHE B 579 -0.35 -11.46 -2.74
N THR B 580 0.57 -11.65 -1.79
CA THR B 580 1.83 -12.33 -2.08
C THR B 580 1.74 -13.84 -1.99
N THR B 581 0.63 -14.40 -1.46
CA THR B 581 0.50 -15.84 -1.30
C THR B 581 -0.80 -16.40 -1.91
N LEU B 582 -1.37 -15.73 -2.91
CA LEU B 582 -2.62 -16.23 -3.48
C LEU B 582 -2.39 -17.54 -4.21
N HIS B 583 -3.37 -18.46 -4.13
CA HIS B 583 -3.21 -19.76 -4.80
C HIS B 583 -4.51 -20.41 -5.28
N VAL B 584 -5.66 -20.09 -4.67
CA VAL B 584 -6.95 -20.69 -5.07
C VAL B 584 -7.42 -20.06 -6.38
N THR B 585 -7.61 -20.87 -7.43
CA THR B 585 -8.16 -20.36 -8.68
C THR B 585 -9.67 -20.53 -8.74
N LYS B 586 -10.34 -19.65 -9.47
CA LYS B 586 -11.79 -19.81 -9.67
C LYS B 586 -12.10 -21.07 -10.48
N LYS B 587 -11.25 -21.45 -11.44
CA LYS B 587 -11.54 -22.63 -12.23
C LYS B 587 -11.52 -23.89 -11.38
N SER B 588 -10.77 -23.90 -10.28
CA SER B 588 -10.69 -25.08 -9.43
C SER B 588 -11.97 -25.31 -8.64
N GLY B 589 -12.75 -24.26 -8.38
CA GLY B 589 -13.94 -24.39 -7.58
C GLY B 589 -13.73 -24.47 -6.08
N VAL B 590 -12.49 -24.46 -5.60
CA VAL B 590 -12.21 -24.44 -4.17
C VAL B 590 -12.72 -23.15 -3.55
N SER B 591 -13.25 -23.25 -2.32
CA SER B 591 -13.79 -22.07 -1.67
C SER B 591 -12.68 -21.07 -1.34
N PRO B 592 -12.95 -19.77 -1.44
CA PRO B 592 -11.93 -18.77 -1.05
C PRO B 592 -11.98 -18.30 0.39
N ILE B 593 -12.87 -18.85 1.22
CA ILE B 593 -12.98 -18.34 2.61
C ILE B 593 -11.76 -18.74 3.41
N VAL B 594 -11.58 -18.06 4.55
CA VAL B 594 -10.40 -18.24 5.40
C VAL B 594 -10.62 -19.40 6.36
#